data_1TQS
#
_entry.id   1TQS
#
_cell.length_a   68.824
_cell.length_b   109.631
_cell.length_c   138.852
_cell.angle_alpha   90.00
_cell.angle_beta   90.00
_cell.angle_gamma   90.00
#
_symmetry.space_group_name_H-M   'P 21 21 21'
#
loop_
_entity.id
_entity.type
_entity.pdbx_description
1 polymer 'Alpha-mannosidase II'
2 non-polymer 2-acetamido-2-deoxy-beta-D-glucopyranose
3 non-polymer 'ZINC ION'
4 non-polymer '1,4-DIDEOXY-1,4-[[2S,3S)-2,4-DIHYDROXY-3-(SULFOXY)BUTYL]EPISULFONIUMYLIDENE]-D-ARABINITOL INNER SALT'
5 non-polymer (4R)-2-METHYLPENTANE-2,4-DIOL
6 water water
#
_entity_poly.entity_id   1
_entity_poly.type   'polypeptide(L)'
_entity_poly.pdbx_seq_one_letter_code
;RSSHHHHHHGEFDDPIRPPLKVARSPRPGQCQDVVQDVPNVDVQMLELYDRMSFKDIDGGVWKQGWNIKYDPLKYNAHHK
LKVFVVPHSHNDPGWIQTFEEYYQHDTKHILSNALRHLHDNPEMKFIWAEISYFARFYHDLGENKKLQMKSIVKNGQLEF
VTGGWVMPDEANSHWRNVLLQLTEGQTWLKQFMNVTPTASWAIDPFGHSPTMPYILQKSGFKNMLIQRTHYSVKKELAQQ
RQLEFLWRQIWDNKGDTALFTHMMPFYSYDIPHTCGPDPKVCCQFDFKRMGSFGLSCPWKVPPRTISDQNVAARSDLLVD
QWKKKAELYRTNVLLIPLGDDFRFKQNTEWDVQRVNYERLFEHINSQAHFNVQAQFGTLQEYFDAVHQAERAGQAEFPTL
SGDFFTYADRSDNYWSGYYTSRPYHKRMDRVLMHYVRAAEMLSAWHSWDGMARIEERLEQARRELSLFQHHDGITGTAKT
HVVVDYEQRMQEALKACQMVMQQSVYRLLTKPSIYSPDFSFSYFTLDDSRWPGSGVEDSRTTIILGEDILPSKHVVMHNT
LPHWREQLVDFYVSSPFVSVTDLANNPVEAQVSPVWSWHHDTLTKTIHPQGSTTKYRIIFKARVPPMGLATYVLTISDSK
PEHTSYASNLLLRKNPTSLPLGQYPEDVKFGDPREISLRVGNGPTLAFSEQGLLKSIQLTQDSPHVPVHFKFLKYGVRSH
GDRSGAYLFLPNGPASPVELGQPVVLVTKGKLESSVSVGLPSVVHQTIMRGGAPEIRNLVDIGSLDNTEIVMRLETHIDS
GDIFYTDLNGLQFIKRRRLDKLPLQANYYPIPSGMFIEDANTRLTLLTGQPLGGSSLASGELEIMQDRRLASDDERGLGQ
GVLDNKPVLHIYRLVLEKVNNCVRPSKLHPAGYLTSAAHKASQSLLDPLDKFIFAENEWIGAQGQFGGDHPSAREDLDVS
VMRRLTKSSAKTQRVGYVLHRTNLMQCGTPEEHTQKLDVCHLLPNVARCERTTLTFLQNLEHLDGMVAPEVCPMETAAYV
SSHSS
;
_entity_poly.pdbx_strand_id   A
#
loop_
_chem_comp.id
_chem_comp.type
_chem_comp.name
_chem_comp.formula
MRD non-polymer (4R)-2-METHYLPENTANE-2,4-DIOL 'C6 H14 O2'
NAG D-saccharide, beta linking 2-acetamido-2-deoxy-beta-D-glucopyranose 'C8 H15 N O6'
SSO non-polymer '1,4-DIDEOXY-1,4-[[2S,3S)-2,4-DIHYDROXY-3-(SULFOXY)BUTYL]EPISULFONIUMYLIDENE]-D-ARABINITOL INNER SALT' 'C9 H18 O9 S2 -2'
ZN non-polymer 'ZINC ION' 'Zn 2'
#
# COMPACT_ATOMS: atom_id res chain seq x y z
N CYS A 31 4.85 24.66 14.31
CA CYS A 31 4.10 23.53 13.66
C CYS A 31 2.63 23.89 13.56
N GLN A 32 2.03 23.60 12.41
CA GLN A 32 0.60 23.78 12.19
C GLN A 32 -0.16 22.82 13.09
N ASP A 33 -1.32 23.26 13.56
CA ASP A 33 -2.18 22.41 14.40
C ASP A 33 -3.04 21.62 13.40
N VAL A 34 -2.92 20.31 13.44
CA VAL A 34 -3.63 19.44 12.49
C VAL A 34 -4.97 18.94 13.01
N VAL A 35 -5.37 19.39 14.20
CA VAL A 35 -6.61 18.95 14.83
C VAL A 35 -7.75 19.96 14.94
N GLN A 36 -7.34 21.17 15.36
CA GLN A 36 -8.32 22.20 15.79
C GLN A 36 -8.71 23.26 14.82
N ASP A 37 -8.06 23.36 13.68
CA ASP A 37 -8.35 24.38 12.67
C ASP A 37 -8.88 23.69 11.39
N VAL A 38 -10.16 23.84 11.09
CA VAL A 38 -10.75 23.23 9.86
C VAL A 38 -10.30 24.07 8.65
N PRO A 39 -9.61 23.47 7.69
CA PRO A 39 -9.16 24.24 6.52
C PRO A 39 -10.31 24.78 5.72
N ASN A 40 -10.11 26.00 5.18
CA ASN A 40 -11.13 26.57 4.32
C ASN A 40 -10.70 26.31 2.86
N VAL A 41 -11.42 25.41 2.18
CA VAL A 41 -11.07 25.07 0.78
C VAL A 41 -12.27 25.26 -0.07
N ASP A 42 -12.09 25.45 -1.38
CA ASP A 42 -13.21 25.59 -2.25
C ASP A 42 -14.01 24.35 -2.44
N VAL A 43 -13.29 23.21 -2.51
CA VAL A 43 -13.95 21.91 -2.71
C VAL A 43 -13.43 20.96 -1.63
N GLN A 44 -14.33 20.45 -0.78
CA GLN A 44 -13.93 19.45 0.25
C GLN A 44 -14.72 18.22 -0.13
N MET A 45 -14.04 17.11 -0.48
CA MET A 45 -14.78 16.01 -1.10
C MET A 45 -15.87 15.35 -0.25
N LEU A 46 -15.68 15.32 1.05
CA LEU A 46 -16.76 14.74 1.90
C LEU A 46 -18.01 15.64 1.83
N GLU A 47 -17.80 16.96 1.81
CA GLU A 47 -18.93 17.90 1.76
C GLU A 47 -19.54 17.80 0.40
N LEU A 48 -18.74 17.70 -0.65
CA LEU A 48 -19.29 17.54 -1.99
C LEU A 48 -20.15 16.31 -2.12
N TYR A 49 -19.63 15.18 -1.61
CA TYR A 49 -20.38 13.92 -1.62
C TYR A 49 -21.76 14.03 -0.90
N ASP A 50 -21.78 14.82 0.16
CA ASP A 50 -23.04 14.93 0.93
C ASP A 50 -24.08 15.67 0.08
N ARG A 51 -23.65 16.63 -0.73
CA ARG A 51 -24.56 17.47 -1.55
C ARG A 51 -24.92 16.88 -2.89
N MET A 52 -24.02 16.17 -3.54
CA MET A 52 -24.27 15.58 -4.85
C MET A 52 -25.36 14.53 -4.93
N SER A 53 -26.08 14.46 -6.06
CA SER A 53 -27.16 13.48 -6.22
C SER A 53 -26.75 12.18 -6.93
N PHE A 54 -25.63 12.22 -7.63
CA PHE A 54 -25.11 11.05 -8.30
C PHE A 54 -26.07 10.43 -9.30
N LYS A 55 -26.93 11.24 -9.92
CA LYS A 55 -27.84 10.64 -10.90
C LYS A 55 -27.14 10.23 -12.16
N ASP A 56 -27.40 9.05 -12.67
CA ASP A 56 -26.78 8.54 -13.85
C ASP A 56 -27.68 8.80 -15.08
N ILE A 57 -27.69 10.04 -15.52
CA ILE A 57 -28.53 10.36 -16.67
C ILE A 57 -27.75 10.37 -17.95
N ASP A 58 -28.43 10.03 -19.04
CA ASP A 58 -27.84 10.00 -20.36
C ASP A 58 -27.59 11.44 -20.80
N GLY A 59 -26.32 11.84 -20.88
CA GLY A 59 -25.97 13.18 -21.28
C GLY A 59 -25.85 13.41 -22.78
N GLY A 60 -26.12 12.41 -23.61
CA GLY A 60 -25.96 12.60 -25.03
C GLY A 60 -24.66 11.91 -25.47
N VAL A 61 -23.97 12.47 -26.47
CA VAL A 61 -22.73 11.86 -26.92
C VAL A 61 -21.71 11.80 -25.75
N TRP A 62 -21.68 12.80 -24.90
CA TRP A 62 -20.86 12.72 -23.68
C TRP A 62 -21.87 12.02 -22.75
N LYS A 63 -21.76 10.69 -22.66
CA LYS A 63 -22.84 9.97 -21.94
C LYS A 63 -23.01 10.31 -20.53
N GLN A 64 -21.93 10.71 -19.84
CA GLN A 64 -22.01 11.04 -18.44
C GLN A 64 -21.83 12.50 -18.12
N GLY A 65 -22.02 13.33 -19.17
CA GLY A 65 -21.92 14.79 -19.06
C GLY A 65 -23.16 15.49 -19.62
N TRP A 66 -22.95 16.44 -20.52
CA TRP A 66 -24.05 17.21 -21.12
C TRP A 66 -23.50 17.68 -22.45
N ASN A 67 -24.38 18.27 -23.30
CA ASN A 67 -23.96 18.80 -24.61
C ASN A 67 -23.25 20.14 -24.40
N ILE A 68 -21.93 20.13 -24.51
CA ILE A 68 -21.18 21.31 -24.25
C ILE A 68 -21.38 22.37 -25.36
N LYS A 69 -21.56 23.60 -24.90
CA LYS A 69 -21.70 24.72 -25.86
C LYS A 69 -20.55 25.68 -25.64
N TYR A 70 -20.10 26.33 -26.72
CA TYR A 70 -19.05 27.34 -26.55
C TYR A 70 -19.39 28.52 -27.48
N ASP A 71 -18.81 29.65 -27.15
CA ASP A 71 -18.99 30.86 -27.95
C ASP A 71 -17.82 30.92 -28.92
N PRO A 72 -18.09 30.86 -30.25
CA PRO A 72 -17.01 30.90 -31.24
C PRO A 72 -16.12 32.12 -31.11
N LEU A 73 -16.67 33.20 -30.58
CA LEU A 73 -15.92 34.42 -30.42
C LEU A 73 -14.97 34.47 -29.24
N LYS A 74 -14.93 33.39 -28.43
CA LYS A 74 -14.05 33.41 -27.28
C LYS A 74 -12.56 33.47 -27.66
N TYR A 75 -12.19 32.73 -28.69
CA TYR A 75 -10.80 32.79 -29.16
C TYR A 75 -10.82 33.70 -30.41
N ASN A 76 -9.77 34.50 -30.57
CA ASN A 76 -9.61 35.46 -31.68
C ASN A 76 -8.12 35.68 -31.89
N ALA A 77 -7.77 36.57 -32.84
CA ALA A 77 -6.37 36.83 -33.16
C ALA A 77 -5.51 37.15 -31.97
N HIS A 78 -6.09 37.78 -30.96
CA HIS A 78 -5.27 38.15 -29.82
C HIS A 78 -5.39 37.23 -28.62
N HIS A 79 -6.13 36.14 -28.79
CA HIS A 79 -6.33 35.19 -27.71
C HIS A 79 -6.62 33.85 -28.35
N LYS A 80 -5.54 33.13 -28.66
CA LYS A 80 -5.69 31.84 -29.34
C LYS A 80 -5.75 30.67 -28.34
N LEU A 81 -6.36 29.59 -28.78
CA LEU A 81 -6.39 28.33 -27.99
C LEU A 81 -5.10 27.57 -28.35
N LYS A 82 -4.22 27.34 -27.38
CA LYS A 82 -2.98 26.62 -27.61
C LYS A 82 -3.26 25.18 -27.25
N VAL A 83 -3.04 24.27 -28.17
CA VAL A 83 -3.37 22.86 -27.98
C VAL A 83 -2.10 22.04 -28.00
N PHE A 84 -1.88 21.25 -26.95
CA PHE A 84 -0.72 20.33 -26.88
C PHE A 84 -1.20 18.90 -27.01
N VAL A 85 -0.84 18.23 -28.11
CA VAL A 85 -1.17 16.83 -28.34
C VAL A 85 0.02 16.05 -27.81
N VAL A 86 -0.25 15.19 -26.80
CA VAL A 86 0.84 14.54 -26.05
C VAL A 86 0.81 13.04 -26.30
N PRO A 87 1.67 12.52 -27.18
CA PRO A 87 1.68 11.07 -27.47
C PRO A 87 2.16 10.28 -26.25
N HIS A 88 1.51 9.14 -26.05
CA HIS A 88 1.85 8.29 -24.85
C HIS A 88 1.48 6.87 -25.13
N SER A 89 2.00 5.97 -24.28
CA SER A 89 1.76 4.54 -24.42
C SER A 89 1.65 3.95 -22.99
N HIS A 90 0.50 3.41 -22.65
CA HIS A 90 0.34 2.89 -21.29
C HIS A 90 0.90 1.45 -21.24
N ASN A 91 1.98 1.28 -20.47
CA ASN A 91 2.67 -0.03 -20.45
C ASN A 91 2.58 -0.65 -19.04
N ASP A 92 1.63 -1.54 -18.87
CA ASP A 92 1.45 -2.19 -17.55
C ASP A 92 2.56 -3.16 -17.26
N PRO A 93 3.27 -3.02 -16.12
CA PRO A 93 4.37 -3.95 -15.75
C PRO A 93 3.78 -5.25 -15.16
N GLY A 94 3.08 -5.98 -16.03
CA GLY A 94 2.33 -7.20 -15.71
C GLY A 94 0.83 -6.86 -15.62
N TRP A 95 0.01 -7.72 -16.23
CA TRP A 95 -1.45 -7.62 -16.13
C TRP A 95 -1.99 -8.92 -16.76
N ILE A 96 -2.12 -8.94 -18.08
CA ILE A 96 -2.56 -10.13 -18.82
C ILE A 96 -1.37 -10.97 -19.24
N GLN A 97 -0.19 -10.39 -19.25
CA GLN A 97 1.08 -11.07 -19.47
C GLN A 97 2.00 -10.67 -18.31
N THR A 98 3.07 -11.42 -18.08
CA THR A 98 4.04 -11.01 -17.05
C THR A 98 4.83 -9.80 -17.56
N PHE A 99 5.57 -9.17 -16.66
CA PHE A 99 6.47 -8.10 -16.99
C PHE A 99 7.41 -8.54 -18.14
N GLU A 100 8.05 -9.69 -18.00
CA GLU A 100 9.01 -10.10 -19.03
C GLU A 100 8.32 -10.45 -20.34
N GLU A 101 7.14 -11.04 -20.29
CA GLU A 101 6.43 -11.36 -21.53
C GLU A 101 6.07 -10.09 -22.25
N TYR A 102 5.50 -9.10 -21.53
CA TYR A 102 5.16 -7.84 -22.22
C TYR A 102 6.45 -7.19 -22.74
N TYR A 103 7.53 -7.22 -21.98
CA TYR A 103 8.75 -6.58 -22.46
C TYR A 103 9.20 -7.18 -23.79
N GLN A 104 9.18 -8.51 -23.86
CA GLN A 104 9.65 -9.17 -25.09
C GLN A 104 8.70 -9.00 -26.22
N HIS A 105 7.40 -9.02 -25.97
CA HIS A 105 6.40 -8.97 -27.08
C HIS A 105 6.01 -7.59 -27.50
N ASP A 106 6.11 -6.62 -26.57
CA ASP A 106 5.60 -5.29 -26.86
C ASP A 106 6.53 -4.15 -26.50
N THR A 107 6.89 -4.04 -25.21
CA THR A 107 7.56 -2.84 -24.76
C THR A 107 8.93 -2.60 -25.35
N LYS A 108 9.70 -3.67 -25.56
CA LYS A 108 11.01 -3.41 -26.16
C LYS A 108 10.91 -2.86 -27.58
N HIS A 109 9.85 -3.25 -28.27
CA HIS A 109 9.60 -2.74 -29.64
C HIS A 109 9.11 -1.30 -29.58
N ILE A 110 8.22 -0.99 -28.63
CA ILE A 110 7.75 0.38 -28.47
C ILE A 110 8.92 1.32 -28.21
N LEU A 111 9.80 0.95 -27.26
CA LEU A 111 10.92 1.82 -26.95
C LEU A 111 11.96 1.91 -28.06
N SER A 112 12.20 0.79 -28.71
CA SER A 112 13.15 0.83 -29.86
C SER A 112 12.61 1.71 -31.00
N ASN A 113 11.32 1.59 -31.27
CA ASN A 113 10.77 2.42 -32.34
C ASN A 113 10.58 3.82 -31.91
N ALA A 114 10.34 4.08 -30.60
CA ALA A 114 10.27 5.47 -30.19
C ALA A 114 11.65 6.10 -30.36
N LEU A 115 12.71 5.38 -30.00
CA LEU A 115 14.02 5.97 -30.17
C LEU A 115 14.31 6.32 -31.66
N ARG A 116 13.99 5.40 -32.55
CA ARG A 116 14.21 5.66 -33.95
C ARG A 116 13.32 6.80 -34.48
N HIS A 117 12.04 6.76 -34.17
CA HIS A 117 11.17 7.77 -34.70
C HIS A 117 11.44 9.15 -34.18
N LEU A 118 11.63 9.32 -32.87
CA LEU A 118 11.96 10.62 -32.28
C LEU A 118 13.32 11.08 -32.83
N HIS A 119 14.29 10.19 -32.91
CA HIS A 119 15.61 10.60 -33.47
C HIS A 119 15.43 11.18 -34.88
N ASP A 120 14.62 10.51 -35.69
CA ASP A 120 14.44 10.94 -37.11
C ASP A 120 13.46 12.07 -37.35
N ASN A 121 12.56 12.40 -36.41
CA ASN A 121 11.52 13.43 -36.54
C ASN A 121 11.63 14.36 -35.37
N PRO A 122 12.45 15.39 -35.47
CA PRO A 122 12.67 16.31 -34.35
C PRO A 122 11.54 16.98 -33.68
N GLU A 123 10.42 17.13 -34.39
CA GLU A 123 9.25 17.77 -33.85
C GLU A 123 8.31 16.79 -33.07
N MET A 124 8.54 15.49 -33.22
CA MET A 124 7.69 14.51 -32.54
C MET A 124 8.10 14.46 -31.05
N LYS A 125 7.08 14.16 -30.22
CA LYS A 125 7.27 14.07 -28.78
C LYS A 125 6.68 12.81 -28.26
N PHE A 126 7.04 12.44 -27.01
CA PHE A 126 6.51 11.19 -26.40
C PHE A 126 6.79 11.29 -24.90
N ILE A 127 5.84 10.80 -24.12
CA ILE A 127 6.08 10.76 -22.66
C ILE A 127 6.14 9.32 -22.20
N TRP A 128 6.91 9.07 -21.13
CA TRP A 128 7.11 7.69 -20.61
C TRP A 128 7.00 7.71 -19.08
N ALA A 129 6.23 6.77 -18.54
CA ALA A 129 6.02 6.73 -17.09
C ALA A 129 6.72 5.59 -16.34
N GLU A 130 6.74 4.38 -16.88
CA GLU A 130 7.15 3.17 -16.08
C GLU A 130 8.64 2.92 -16.19
N ILE A 131 9.40 3.30 -15.18
CA ILE A 131 10.86 3.18 -15.27
C ILE A 131 11.32 1.73 -15.15
N SER A 132 10.58 0.84 -14.54
CA SER A 132 10.96 -0.58 -14.54
C SER A 132 11.22 -1.06 -15.98
N TYR A 133 10.32 -0.74 -16.91
CA TYR A 133 10.52 -1.12 -18.32
C TYR A 133 11.65 -0.34 -18.95
N PHE A 134 11.73 0.95 -18.68
CA PHE A 134 12.75 1.76 -19.34
C PHE A 134 14.14 1.28 -18.94
N ALA A 135 14.35 0.96 -17.67
CA ALA A 135 15.66 0.49 -17.20
C ALA A 135 15.92 -0.90 -17.83
N ARG A 136 14.94 -1.75 -17.93
CA ARG A 136 15.09 -3.11 -18.54
C ARG A 136 15.57 -2.93 -20.00
N PHE A 137 15.06 -1.92 -20.73
CA PHE A 137 15.41 -1.64 -22.13
C PHE A 137 16.77 -1.00 -22.24
N TYR A 138 17.00 0.05 -21.48
CA TYR A 138 18.23 0.85 -21.57
C TYR A 138 19.47 0.04 -21.28
N HIS A 139 19.42 -0.83 -20.29
CA HIS A 139 20.59 -1.60 -19.98
C HIS A 139 20.94 -2.57 -21.11
N ASP A 140 20.00 -2.97 -21.95
CA ASP A 140 20.28 -3.87 -23.07
C ASP A 140 20.70 -3.15 -24.36
N LEU A 141 20.64 -1.82 -24.36
CA LEU A 141 21.07 -1.04 -25.52
C LEU A 141 22.56 -0.95 -25.65
N GLY A 142 23.03 -0.99 -26.90
CA GLY A 142 24.44 -0.72 -27.18
C GLY A 142 24.74 0.76 -26.88
N GLU A 143 26.02 1.07 -26.70
CA GLU A 143 26.44 2.41 -26.34
C GLU A 143 25.99 3.46 -27.37
N ASN A 144 26.03 3.18 -28.65
CA ASN A 144 25.63 4.20 -29.62
C ASN A 144 24.16 4.60 -29.39
N LYS A 145 23.29 3.62 -29.19
CA LYS A 145 21.89 3.87 -28.96
C LYS A 145 21.65 4.50 -27.56
N LYS A 146 22.42 4.11 -26.54
CA LYS A 146 22.27 4.78 -25.24
C LYS A 146 22.51 6.27 -25.44
N LEU A 147 23.53 6.65 -26.22
CA LEU A 147 23.84 8.06 -26.44
C LEU A 147 22.70 8.73 -27.22
N GLN A 148 22.14 8.06 -28.23
CA GLN A 148 21.02 8.62 -28.95
C GLN A 148 19.82 8.87 -28.00
N MET A 149 19.58 7.89 -27.10
CA MET A 149 18.47 8.02 -26.14
C MET A 149 18.69 9.19 -25.21
N LYS A 150 19.92 9.32 -24.69
CA LYS A 150 20.17 10.43 -23.79
C LYS A 150 19.94 11.76 -24.50
N SER A 151 20.26 11.83 -25.80
CA SER A 151 20.10 13.06 -26.54
C SER A 151 18.63 13.46 -26.76
N ILE A 152 17.76 12.49 -27.07
CA ILE A 152 16.36 12.84 -27.24
C ILE A 152 15.66 13.17 -25.90
N VAL A 153 16.24 12.72 -24.79
CA VAL A 153 15.72 13.13 -23.46
C VAL A 153 16.27 14.52 -23.14
N LYS A 154 17.58 14.72 -23.35
CA LYS A 154 18.14 16.02 -23.01
C LYS A 154 17.52 17.15 -23.83
N ASN A 155 17.17 16.88 -25.09
CA ASN A 155 16.56 17.88 -26.03
CA ASN A 155 16.64 17.90 -25.89
C ASN A 155 15.04 18.05 -25.84
N GLY A 156 14.44 17.28 -24.95
CA GLY A 156 13.00 17.46 -24.72
C GLY A 156 12.02 16.72 -25.57
N GLN A 157 12.45 15.81 -26.43
CA GLN A 157 11.52 15.05 -27.22
C GLN A 157 10.84 13.92 -26.44
N LEU A 158 11.66 13.17 -25.70
CA LEU A 158 11.17 12.09 -24.82
C LEU A 158 11.22 12.63 -23.40
N GLU A 159 10.07 12.65 -22.74
CA GLU A 159 10.00 13.19 -21.39
C GLU A 159 9.45 12.16 -20.44
N PHE A 160 10.14 11.99 -19.34
CA PHE A 160 9.66 11.09 -18.29
C PHE A 160 8.62 11.82 -17.42
N VAL A 161 7.54 11.12 -17.14
CA VAL A 161 6.47 11.64 -16.31
C VAL A 161 6.39 10.73 -15.08
N THR A 162 6.32 11.39 -13.92
CA THR A 162 6.42 10.75 -12.58
C THR A 162 7.84 10.15 -12.35
N GLY A 163 8.19 9.16 -13.15
CA GLY A 163 9.50 8.57 -13.02
C GLY A 163 9.61 7.52 -11.93
N GLY A 164 8.46 6.99 -11.48
CA GLY A 164 8.52 5.86 -10.58
C GLY A 164 8.78 4.54 -11.27
N TRP A 165 9.18 3.54 -10.49
CA TRP A 165 9.39 2.21 -11.06
C TRP A 165 8.11 1.75 -11.77
N VAL A 166 6.96 2.09 -11.19
CA VAL A 166 5.64 1.78 -11.73
C VAL A 166 4.74 2.98 -11.60
N MET A 167 3.49 2.83 -12.05
CA MET A 167 2.40 3.80 -11.78
C MET A 167 1.61 3.05 -10.68
N PRO A 168 1.83 3.37 -9.41
CA PRO A 168 1.21 2.55 -8.38
C PRO A 168 -0.25 2.62 -8.14
N ASP A 169 -0.78 1.49 -7.65
CA ASP A 169 -2.12 1.54 -7.02
C ASP A 169 -2.05 2.63 -5.94
N GLU A 170 -3.18 3.29 -5.70
CA GLU A 170 -3.26 4.32 -4.66
C GLU A 170 -4.20 3.90 -3.52
N ALA A 171 -4.86 2.75 -3.65
CA ALA A 171 -5.80 2.34 -2.62
C ALA A 171 -5.18 1.42 -1.55
N ASN A 172 -4.47 0.38 -2.04
CA ASN A 172 -3.96 -0.65 -1.11
C ASN A 172 -2.53 -0.42 -0.70
N SER A 173 -1.81 0.38 -1.46
CA SER A 173 -0.37 0.60 -1.23
C SER A 173 -0.08 1.34 0.03
N HIS A 174 0.96 0.94 0.74
CA HIS A 174 1.41 1.69 1.88
C HIS A 174 2.25 2.88 1.39
N TRP A 175 2.13 4.04 2.02
CA TRP A 175 2.89 5.21 1.60
C TRP A 175 4.38 4.90 1.56
N ARG A 176 4.88 4.07 2.48
CA ARG A 176 6.32 3.77 2.46
C ARG A 176 6.73 3.11 1.15
N ASN A 177 5.86 2.25 0.61
CA ASN A 177 6.19 1.59 -0.64
C ASN A 177 5.93 2.46 -1.85
N VAL A 178 5.00 3.39 -1.75
CA VAL A 178 4.80 4.37 -2.83
C VAL A 178 6.10 5.18 -2.90
N LEU A 179 6.66 5.58 -1.76
CA LEU A 179 7.90 6.31 -1.79
C LEU A 179 9.06 5.43 -2.25
N LEU A 180 9.10 4.17 -1.85
CA LEU A 180 10.19 3.28 -2.27
C LEU A 180 10.21 3.19 -3.78
N GLN A 181 9.07 2.96 -4.42
CA GLN A 181 9.09 2.75 -5.87
C GLN A 181 9.39 4.06 -6.60
N LEU A 182 8.90 5.19 -6.07
CA LEU A 182 9.21 6.48 -6.67
C LEU A 182 10.72 6.69 -6.63
N THR A 183 11.33 6.40 -5.49
CA THR A 183 12.76 6.61 -5.32
C THR A 183 13.51 5.67 -6.23
N GLU A 184 13.08 4.43 -6.39
CA GLU A 184 13.82 3.49 -7.24
C GLU A 184 13.84 4.01 -8.66
N GLY A 185 12.72 4.46 -9.20
CA GLY A 185 12.71 4.96 -10.57
C GLY A 185 13.46 6.27 -10.70
N GLN A 186 13.27 7.19 -9.75
CA GLN A 186 13.91 8.50 -9.93
C GLN A 186 15.41 8.39 -9.71
N THR A 187 15.87 7.53 -8.81
CA THR A 187 17.32 7.36 -8.62
C THR A 187 17.93 6.84 -9.94
N TRP A 188 17.30 5.86 -10.55
CA TRP A 188 17.77 5.37 -11.85
C TRP A 188 17.79 6.53 -12.88
N LEU A 189 16.73 7.29 -12.97
CA LEU A 189 16.73 8.40 -13.94
C LEU A 189 17.79 9.38 -13.67
N LYS A 190 18.05 9.75 -12.44
CA LYS A 190 19.08 10.75 -12.18
C LYS A 190 20.43 10.18 -12.60
N GLN A 191 20.72 8.93 -12.27
CA GLN A 191 22.01 8.37 -12.60
C GLN A 191 22.23 8.20 -14.10
N PHE A 192 21.27 7.69 -14.85
CA PHE A 192 21.49 7.37 -16.24
C PHE A 192 20.98 8.38 -17.23
N MET A 193 19.93 9.14 -16.93
CA MET A 193 19.34 10.11 -17.86
C MET A 193 19.56 11.53 -17.41
N ASN A 194 20.09 11.76 -16.22
CA ASN A 194 20.31 13.10 -15.68
C ASN A 194 19.06 13.98 -15.66
N VAL A 195 17.91 13.42 -15.27
CA VAL A 195 16.67 14.20 -15.17
C VAL A 195 15.89 13.70 -13.96
N THR A 196 15.10 14.60 -13.42
CA THR A 196 14.20 14.29 -12.29
C THR A 196 12.84 14.92 -12.65
N PRO A 197 11.83 14.12 -12.98
CA PRO A 197 10.52 14.66 -13.33
C PRO A 197 9.91 15.46 -12.19
N THR A 198 9.20 16.53 -12.57
CA THR A 198 8.46 17.35 -11.62
C THR A 198 6.96 17.33 -11.94
N ALA A 199 6.56 16.58 -12.96
CA ALA A 199 5.13 16.42 -13.29
C ALA A 199 4.82 14.92 -13.23
N SER A 200 3.70 14.59 -12.62
CA SER A 200 3.26 13.21 -12.48
C SER A 200 2.09 12.92 -13.38
N TRP A 201 2.03 11.69 -13.86
CA TRP A 201 1.01 11.17 -14.78
C TRP A 201 0.45 9.87 -14.20
N ALA A 202 -0.81 9.89 -13.77
CA ALA A 202 -1.43 8.68 -13.19
C ALA A 202 -2.80 8.50 -13.85
N ILE A 203 -2.76 7.84 -15.01
CA ILE A 203 -3.98 7.69 -15.81
C ILE A 203 -4.79 6.44 -15.57
N ASP A 204 -4.22 5.49 -14.83
CA ASP A 204 -4.91 4.21 -14.64
C ASP A 204 -5.21 3.69 -13.23
N PRO A 205 -4.62 4.20 -12.13
CA PRO A 205 -5.02 3.64 -10.79
C PRO A 205 -6.54 3.81 -10.62
N PHE A 206 -7.16 2.88 -9.86
CA PHE A 206 -8.65 2.83 -9.85
C PHE A 206 -9.18 3.66 -8.68
N GLY A 207 -9.15 4.97 -8.89
CA GLY A 207 -9.42 5.95 -7.87
C GLY A 207 -8.07 6.50 -7.37
N HIS A 208 -8.11 7.66 -6.71
CA HIS A 208 -6.88 8.41 -6.35
C HIS A 208 -6.86 8.90 -4.92
N SER A 209 -5.65 8.88 -4.33
CA SER A 209 -5.42 9.22 -2.94
C SER A 209 -4.58 10.48 -2.78
N PRO A 210 -4.90 11.29 -1.76
CA PRO A 210 -4.13 12.51 -1.49
C PRO A 210 -2.73 12.16 -0.98
N THR A 211 -2.47 10.86 -0.65
CA THR A 211 -1.10 10.50 -0.28
C THR A 211 -0.14 10.76 -1.45
N MET A 212 -0.63 10.68 -2.69
CA MET A 212 0.24 10.96 -3.83
C MET A 212 0.75 12.41 -3.85
N PRO A 213 -0.14 13.44 -3.86
CA PRO A 213 0.44 14.80 -3.84
C PRO A 213 1.26 15.02 -2.57
N TYR A 214 0.92 14.38 -1.43
CA TYR A 214 1.73 14.54 -0.20
C TYR A 214 3.18 14.16 -0.47
N ILE A 215 3.39 12.94 -1.01
CA ILE A 215 4.73 12.48 -1.27
C ILE A 215 5.38 13.26 -2.42
N LEU A 216 4.65 13.48 -3.49
CA LEU A 216 5.21 14.19 -4.65
C LEU A 216 5.64 15.61 -4.32
N GLN A 217 4.83 16.34 -3.58
CA GLN A 217 5.21 17.73 -3.25
C GLN A 217 6.46 17.74 -2.39
N LYS A 218 6.72 16.73 -1.57
CA LYS A 218 7.91 16.64 -0.75
C LYS A 218 9.08 16.00 -1.50
N SER A 219 8.86 15.71 -2.78
CA SER A 219 9.86 15.11 -3.66
C SER A 219 10.15 16.00 -4.89
N GLY A 220 9.89 17.29 -4.73
CA GLY A 220 10.20 18.27 -5.77
C GLY A 220 9.16 18.48 -6.85
N PHE A 221 8.02 17.80 -6.80
CA PHE A 221 7.04 17.96 -7.88
C PHE A 221 6.32 19.27 -7.81
N LYS A 222 5.86 19.69 -8.98
CA LYS A 222 5.08 20.91 -9.14
C LYS A 222 3.73 20.66 -9.72
N ASN A 223 3.48 19.51 -10.36
CA ASN A 223 2.20 19.29 -11.01
C ASN A 223 1.88 17.81 -11.04
N MET A 224 0.59 17.48 -11.10
CA MET A 224 0.21 16.07 -11.29
C MET A 224 -1.10 15.96 -12.06
N LEU A 225 -1.29 14.80 -12.68
CA LEU A 225 -2.49 14.55 -13.49
C LEU A 225 -3.11 13.22 -13.02
N ILE A 226 -4.42 13.19 -12.94
CA ILE A 226 -5.20 11.98 -12.57
C ILE A 226 -6.34 11.78 -13.54
N GLN A 227 -6.87 10.56 -13.59
CA GLN A 227 -7.94 10.23 -14.51
C GLN A 227 -9.09 9.43 -13.93
N ARG A 228 -8.90 8.37 -13.19
CA ARG A 228 -10.03 7.56 -12.80
C ARG A 228 -10.66 8.03 -11.55
N THR A 229 -11.63 8.92 -11.73
CA THR A 229 -12.47 9.43 -10.65
C THR A 229 -13.92 9.17 -11.09
N HIS A 230 -14.79 9.06 -10.10
CA HIS A 230 -16.21 8.75 -10.34
C HIS A 230 -16.79 9.66 -11.41
N TYR A 231 -17.57 9.06 -12.31
CA TYR A 231 -18.15 9.87 -13.38
C TYR A 231 -18.99 11.00 -12.84
N SER A 232 -19.62 10.87 -11.70
CA SER A 232 -20.45 11.96 -11.17
C SER A 232 -19.57 13.11 -10.70
N VAL A 233 -18.38 12.78 -10.17
CA VAL A 233 -17.43 13.81 -9.72
C VAL A 233 -16.89 14.57 -10.97
N LYS A 234 -16.52 13.84 -12.01
CA LYS A 234 -16.09 14.55 -13.22
C LYS A 234 -17.19 15.53 -13.68
N LYS A 235 -18.45 15.08 -13.71
CA LYS A 235 -19.53 16.00 -14.18
C LYS A 235 -19.65 17.21 -13.30
N GLU A 236 -19.62 17.02 -12.00
CA GLU A 236 -19.78 18.12 -11.05
C GLU A 236 -18.66 19.11 -11.13
N LEU A 237 -17.43 18.63 -11.11
CA LEU A 237 -16.30 19.52 -11.18
C LEU A 237 -16.24 20.17 -12.58
N ALA A 238 -16.57 19.46 -13.62
CA ALA A 238 -16.51 20.08 -14.95
C ALA A 238 -17.48 21.27 -15.04
N GLN A 239 -18.68 21.11 -14.48
CA GLN A 239 -19.65 22.21 -14.56
C GLN A 239 -19.15 23.47 -13.90
N GLN A 240 -18.30 23.36 -12.88
CA GLN A 240 -17.76 24.50 -12.16
C GLN A 240 -16.34 24.88 -12.59
N ARG A 241 -15.85 24.22 -13.66
CA ARG A 241 -14.45 24.39 -14.09
C ARG A 241 -13.50 24.22 -12.93
N GLN A 242 -13.71 23.11 -12.17
CA GLN A 242 -12.85 22.78 -10.99
C GLN A 242 -12.09 21.49 -11.24
N LEU A 243 -11.82 21.18 -12.52
CA LEU A 243 -11.03 19.96 -12.86
C LEU A 243 -9.54 20.22 -12.65
N GLU A 244 -9.09 21.46 -12.57
CA GLU A 244 -7.71 21.80 -12.18
C GLU A 244 -7.82 22.48 -10.83
N PHE A 245 -7.03 22.02 -9.88
CA PHE A 245 -7.16 22.51 -8.50
C PHE A 245 -5.87 22.37 -7.75
N LEU A 246 -5.71 23.08 -6.66
CA LEU A 246 -4.55 22.98 -5.79
C LEU A 246 -4.96 21.98 -4.70
N TRP A 247 -4.42 20.77 -4.80
CA TRP A 247 -4.83 19.69 -3.92
C TRP A 247 -3.97 19.69 -2.67
N ARG A 248 -4.57 20.05 -1.54
CA ARG A 248 -3.88 20.07 -0.25
C ARG A 248 -4.39 18.92 0.65
N GLN A 249 -3.61 18.62 1.69
CA GLN A 249 -4.05 17.59 2.63
C GLN A 249 -5.25 18.05 3.44
N ILE A 250 -6.03 17.11 3.94
CA ILE A 250 -7.27 17.44 4.61
C ILE A 250 -7.10 18.22 5.90
N TRP A 251 -5.92 18.12 6.52
CA TRP A 251 -5.68 18.84 7.78
C TRP A 251 -4.88 20.10 7.59
N ASP A 252 -4.51 20.44 6.34
CA ASP A 252 -3.62 21.58 6.09
C ASP A 252 -4.30 22.89 5.98
N ASN A 253 -4.25 23.64 7.08
CA ASN A 253 -4.89 24.93 7.12
C ASN A 253 -4.22 26.03 6.26
N LYS A 254 -2.90 25.99 6.20
CA LYS A 254 -2.17 27.04 5.50
C LYS A 254 -2.06 26.81 4.01
N GLY A 255 -1.97 25.54 3.63
CA GLY A 255 -1.86 25.19 2.21
C GLY A 255 -0.46 24.87 1.76
N ASP A 256 0.52 24.68 2.63
CA ASP A 256 1.87 24.40 2.18
C ASP A 256 2.07 23.03 1.52
N THR A 257 1.09 22.15 1.72
CA THR A 257 1.17 20.83 1.06
C THR A 257 0.59 20.84 -0.36
N ALA A 258 -0.02 21.96 -0.77
CA ALA A 258 -0.72 21.98 -2.05
C ALA A 258 0.06 21.63 -3.28
N LEU A 259 -0.55 20.85 -4.17
CA LEU A 259 0.08 20.48 -5.46
C LEU A 259 -0.96 20.68 -6.52
N PHE A 260 -0.58 21.43 -7.60
CA PHE A 260 -1.48 21.65 -8.71
C PHE A 260 -1.81 20.33 -9.36
N THR A 261 -3.09 20.08 -9.56
CA THR A 261 -3.58 18.82 -10.08
C THR A 261 -4.53 19.04 -11.24
N HIS A 262 -4.36 18.25 -12.30
CA HIS A 262 -5.26 18.27 -13.44
C HIS A 262 -6.03 16.94 -13.48
N MET A 263 -7.34 16.98 -13.36
CA MET A 263 -8.17 15.80 -13.52
C MET A 263 -8.70 15.76 -14.97
N MET A 264 -8.50 14.67 -15.67
CA MET A 264 -9.03 14.53 -17.03
C MET A 264 -10.56 14.46 -16.86
N PRO A 265 -11.31 14.85 -17.92
CA PRO A 265 -12.77 14.89 -17.79
C PRO A 265 -13.64 13.78 -18.17
N PHE A 266 -13.10 12.84 -18.96
CA PHE A 266 -13.88 11.84 -19.62
C PHE A 266 -13.69 10.43 -19.13
N TYR A 267 -14.36 9.50 -19.79
CA TYR A 267 -14.48 8.14 -19.27
C TYR A 267 -13.20 7.33 -19.34
N SER A 268 -12.29 7.64 -20.26
CA SER A 268 -11.06 6.85 -20.41
C SER A 268 -9.93 7.76 -20.85
N TYR A 269 -8.69 7.23 -20.76
CA TYR A 269 -7.51 7.90 -21.30
C TYR A 269 -7.26 7.53 -22.77
N ASP A 270 -8.08 6.66 -23.38
CA ASP A 270 -7.89 6.30 -24.79
C ASP A 270 -8.24 7.45 -25.73
N ILE A 271 -7.87 7.30 -27.01
CA ILE A 271 -8.04 8.42 -27.93
C ILE A 271 -9.53 8.82 -28.07
N PRO A 272 -10.47 7.87 -28.14
CA PRO A 272 -11.88 8.25 -28.26
C PRO A 272 -12.36 9.11 -27.12
N HIS A 273 -11.72 9.05 -25.94
CA HIS A 273 -12.16 9.83 -24.78
C HIS A 273 -11.19 10.89 -24.33
N THR A 274 -10.32 11.31 -25.26
CA THR A 274 -9.37 12.37 -24.90
C THR A 274 -9.35 13.54 -25.87
N CYS A 275 -10.00 13.46 -27.04
CA CYS A 275 -9.97 14.64 -27.91
C CYS A 275 -11.11 15.66 -27.60
N GLY A 276 -12.14 15.20 -26.90
CA GLY A 276 -13.36 15.98 -26.72
C GLY A 276 -14.45 15.09 -26.20
N PRO A 277 -15.68 15.63 -26.07
CA PRO A 277 -16.79 14.89 -25.51
C PRO A 277 -17.46 13.82 -26.30
N ASP A 278 -17.26 13.78 -27.61
CA ASP A 278 -17.97 12.79 -28.42
C ASP A 278 -17.01 11.73 -28.92
N PRO A 279 -17.07 10.52 -28.33
CA PRO A 279 -16.14 9.47 -28.78
C PRO A 279 -16.31 9.02 -30.21
N LYS A 280 -17.53 9.18 -30.78
CA LYS A 280 -17.75 8.74 -32.15
C LYS A 280 -16.90 9.61 -33.07
N VAL A 281 -16.70 10.88 -32.69
CA VAL A 281 -15.87 11.79 -33.45
C VAL A 281 -14.37 11.55 -33.13
N CYS A 282 -14.03 11.51 -31.83
CA CYS A 282 -12.63 11.36 -31.46
C CYS A 282 -12.04 10.05 -31.98
N CYS A 283 -12.84 8.98 -32.05
CA CYS A 283 -12.31 7.74 -32.56
C CYS A 283 -11.77 7.83 -33.99
N GLN A 284 -12.34 8.79 -34.75
CA GLN A 284 -11.89 9.00 -36.13
C GLN A 284 -10.53 9.67 -36.22
N PHE A 285 -9.98 10.06 -35.06
CA PHE A 285 -8.66 10.68 -35.02
C PHE A 285 -7.66 9.76 -34.33
N ASP A 286 -8.00 8.47 -34.21
CA ASP A 286 -7.04 7.43 -33.76
C ASP A 286 -6.66 6.71 -35.07
N PHE A 287 -5.57 7.10 -35.70
CA PHE A 287 -5.27 6.59 -37.01
C PHE A 287 -4.82 5.16 -37.05
N LYS A 288 -4.69 4.53 -35.87
CA LYS A 288 -4.41 3.10 -35.83
C LYS A 288 -5.69 2.27 -36.03
N ARG A 289 -6.88 2.90 -36.15
CA ARG A 289 -8.12 2.12 -36.26
C ARG A 289 -8.71 2.00 -37.69
N MET A 290 -7.89 2.04 -38.74
CA MET A 290 -8.44 1.93 -40.11
C MET A 290 -8.58 0.48 -40.66
N GLY A 291 -7.98 -0.52 -39.96
CA GLY A 291 -8.15 -1.95 -40.35
C GLY A 291 -6.91 -2.90 -40.35
N SER A 292 -5.82 -2.45 -40.96
CA SER A 292 -4.61 -3.26 -41.06
C SER A 292 -3.95 -3.58 -39.72
N PHE A 293 -4.30 -2.84 -38.65
CA PHE A 293 -3.79 -3.08 -37.31
C PHE A 293 -4.74 -3.92 -36.47
N GLY A 294 -5.87 -4.34 -37.06
CA GLY A 294 -6.77 -5.14 -36.24
C GLY A 294 -7.62 -4.38 -35.24
N LEU A 295 -7.74 -3.08 -35.45
CA LEU A 295 -8.52 -2.25 -34.53
C LEU A 295 -9.59 -1.53 -35.35
N SER A 296 -10.67 -1.19 -34.67
CA SER A 296 -11.76 -0.46 -35.35
C SER A 296 -12.43 0.42 -34.32
N CYS A 297 -13.41 1.25 -34.78
CA CYS A 297 -14.17 2.17 -33.91
C CYS A 297 -15.53 1.54 -33.57
N PRO A 298 -15.84 1.35 -32.31
CA PRO A 298 -17.13 0.73 -32.02
C PRO A 298 -18.31 1.62 -32.31
N TRP A 299 -18.07 2.91 -32.52
CA TRP A 299 -19.18 3.85 -32.84
C TRP A 299 -19.48 3.75 -34.31
N LYS A 300 -18.75 2.90 -35.03
CA LYS A 300 -19.02 2.57 -36.44
C LYS A 300 -18.65 3.59 -37.51
N VAL A 301 -17.86 4.61 -37.17
CA VAL A 301 -17.39 5.56 -38.16
C VAL A 301 -15.84 5.42 -38.04
N PRO A 302 -15.16 5.02 -39.11
CA PRO A 302 -13.71 4.85 -39.02
C PRO A 302 -12.89 6.09 -39.27
N PRO A 303 -11.62 6.06 -38.88
CA PRO A 303 -10.80 7.21 -39.20
C PRO A 303 -10.60 7.14 -40.72
N ARG A 304 -10.35 8.30 -41.32
CA ARG A 304 -9.96 8.36 -42.74
C ARG A 304 -8.64 9.13 -42.84
N THR A 305 -7.75 8.66 -43.72
CA THR A 305 -6.48 9.30 -43.93
C THR A 305 -6.70 10.77 -44.29
N ILE A 306 -5.92 11.69 -43.74
CA ILE A 306 -6.09 13.11 -44.02
C ILE A 306 -5.48 13.39 -45.36
N SER A 307 -6.23 14.15 -46.17
CA SER A 307 -5.79 14.56 -47.53
C SER A 307 -6.10 16.03 -47.71
N ASP A 308 -5.60 16.63 -48.80
CA ASP A 308 -5.97 18.01 -49.03
C ASP A 308 -7.45 18.21 -49.29
N GLN A 309 -8.16 17.17 -49.73
CA GLN A 309 -9.60 17.24 -50.03
C GLN A 309 -10.49 17.08 -48.82
N ASN A 310 -10.02 16.44 -47.74
CA ASN A 310 -10.87 16.32 -46.56
C ASN A 310 -10.30 17.07 -45.34
N VAL A 311 -9.14 17.70 -45.44
CA VAL A 311 -8.55 18.25 -44.19
C VAL A 311 -9.39 19.34 -43.63
N ALA A 312 -10.07 20.14 -44.47
CA ALA A 312 -10.86 21.22 -43.86
C ALA A 312 -12.04 20.68 -43.07
N ALA A 313 -12.76 19.70 -43.60
CA ALA A 313 -13.92 19.12 -42.88
C ALA A 313 -13.45 18.35 -41.63
N ARG A 314 -12.35 17.62 -41.78
CA ARG A 314 -11.80 16.86 -40.62
C ARG A 314 -11.33 17.86 -39.55
N SER A 315 -10.68 18.97 -39.93
CA SER A 315 -10.31 19.98 -38.95
C SER A 315 -11.52 20.63 -38.33
N ASP A 316 -12.56 20.91 -39.11
CA ASP A 316 -13.77 21.49 -38.51
C ASP A 316 -14.24 20.59 -37.36
N LEU A 317 -14.30 19.29 -37.62
CA LEU A 317 -14.78 18.37 -36.58
C LEU A 317 -13.85 18.29 -35.37
N LEU A 318 -12.55 18.27 -35.61
CA LEU A 318 -11.60 18.08 -34.50
C LEU A 318 -11.52 19.34 -33.70
N VAL A 319 -11.44 20.53 -34.32
CA VAL A 319 -11.36 21.77 -33.56
C VAL A 319 -12.64 21.97 -32.73
N ASP A 320 -13.80 21.59 -33.25
CA ASP A 320 -15.05 21.70 -32.47
C ASP A 320 -14.95 20.82 -31.20
N GLN A 321 -14.42 19.61 -31.32
CA GLN A 321 -14.22 18.77 -30.10
C GLN A 321 -13.24 19.46 -29.13
N TRP A 322 -12.12 19.98 -29.63
CA TRP A 322 -11.17 20.66 -28.77
C TRP A 322 -11.77 21.85 -28.08
N LYS A 323 -12.54 22.67 -28.80
CA LYS A 323 -13.13 23.86 -28.14
C LYS A 323 -14.20 23.46 -27.12
N LYS A 324 -14.87 22.36 -27.31
CA LYS A 324 -15.81 21.90 -26.29
C LYS A 324 -15.02 21.43 -25.06
N LYS A 325 -13.95 20.64 -25.25
CA LYS A 325 -13.14 20.21 -24.09
C LYS A 325 -12.58 21.45 -23.37
N ALA A 326 -12.14 22.48 -24.11
CA ALA A 326 -11.55 23.66 -23.50
C ALA A 326 -12.56 24.43 -22.64
N GLU A 327 -13.84 24.28 -22.91
CA GLU A 327 -14.85 24.96 -22.10
C GLU A 327 -14.85 24.47 -20.65
N LEU A 328 -14.31 23.27 -20.41
CA LEU A 328 -14.32 22.69 -19.07
C LEU A 328 -13.18 23.17 -18.22
N TYR A 329 -12.27 23.97 -18.77
CA TYR A 329 -11.08 24.43 -18.06
C TYR A 329 -10.93 25.94 -18.10
N ARG A 330 -10.03 26.49 -17.30
CA ARG A 330 -9.95 27.94 -17.14
C ARG A 330 -8.94 28.69 -17.96
N THR A 331 -7.94 28.02 -18.55
CA THR A 331 -6.95 28.76 -19.34
C THR A 331 -7.18 28.53 -20.82
N ASN A 332 -6.34 29.18 -21.64
CA ASN A 332 -6.40 28.99 -23.09
C ASN A 332 -5.34 27.99 -23.55
N VAL A 333 -4.92 27.08 -22.65
CA VAL A 333 -3.93 26.04 -22.97
C VAL A 333 -4.66 24.70 -22.76
N LEU A 334 -4.74 23.84 -23.77
CA LEU A 334 -5.50 22.60 -23.74
C LEU A 334 -4.62 21.38 -23.87
N LEU A 335 -4.84 20.39 -23.00
CA LEU A 335 -4.09 19.12 -23.03
C LEU A 335 -4.90 18.07 -23.77
N ILE A 336 -4.30 17.48 -24.82
CA ILE A 336 -4.93 16.42 -25.60
C ILE A 336 -3.99 15.19 -25.60
N PRO A 337 -4.19 14.30 -24.65
CA PRO A 337 -3.37 13.06 -24.67
C PRO A 337 -3.64 12.28 -25.98
N LEU A 338 -2.64 11.58 -26.52
CA LEU A 338 -2.82 10.81 -27.74
C LEU A 338 -2.16 9.43 -27.52
N GLY A 339 -2.92 8.46 -26.99
CA GLY A 339 -2.30 7.16 -26.72
C GLY A 339 -3.32 6.20 -26.16
N ASP A 340 -2.83 4.99 -25.83
CA ASP A 340 -3.65 3.89 -25.29
C ASP A 340 -2.65 2.82 -24.85
N ASP A 341 -3.19 1.66 -24.50
CA ASP A 341 -2.37 0.55 -23.95
C ASP A 341 -1.40 0.01 -24.98
N PHE A 342 -0.14 -0.01 -24.60
CA PHE A 342 0.92 -0.56 -25.44
C PHE A 342 0.89 -0.02 -26.88
N ARG A 343 0.61 1.28 -26.99
CA ARG A 343 0.63 1.89 -28.31
C ARG A 343 2.06 2.28 -28.70
N PHE A 344 2.14 2.75 -29.96
CA PHE A 344 3.40 3.17 -30.60
C PHE A 344 4.40 2.05 -30.71
N LYS A 345 3.93 0.87 -31.05
CA LYS A 345 4.73 -0.31 -31.17
C LYS A 345 5.38 -0.53 -32.55
N GLN A 346 4.57 -0.39 -33.58
CA GLN A 346 5.03 -0.60 -34.97
C GLN A 346 5.51 0.72 -35.60
N ASN A 347 6.53 0.67 -36.43
CA ASN A 347 6.97 1.86 -37.17
C ASN A 347 5.84 2.46 -38.00
N THR A 348 5.03 1.61 -38.59
CA THR A 348 3.92 2.07 -39.40
C THR A 348 2.91 2.82 -38.54
N GLU A 349 2.79 2.48 -37.25
CA GLU A 349 1.86 3.20 -36.36
C GLU A 349 2.38 4.57 -36.02
N TRP A 350 3.67 4.67 -35.75
CA TRP A 350 4.27 5.98 -35.52
C TRP A 350 3.97 6.88 -36.73
N ASP A 351 4.18 6.33 -37.94
CA ASP A 351 3.97 7.13 -39.15
C ASP A 351 2.52 7.51 -39.33
N VAL A 352 1.59 6.58 -39.16
CA VAL A 352 0.22 6.93 -39.44
C VAL A 352 -0.32 7.97 -38.45
N GLN A 353 0.08 7.93 -37.18
CA GLN A 353 -0.37 8.94 -36.25
C GLN A 353 0.34 10.26 -36.53
N ARG A 354 1.66 10.26 -36.65
CA ARG A 354 2.38 11.51 -36.84
C ARG A 354 2.00 12.25 -38.12
N VAL A 355 1.97 11.55 -39.25
CA VAL A 355 1.75 12.25 -40.51
C VAL A 355 0.34 12.80 -40.59
N ASN A 356 -0.67 12.05 -40.16
CA ASN A 356 -2.02 12.55 -40.19
C ASN A 356 -2.20 13.76 -39.27
N TYR A 357 -1.63 13.72 -38.04
CA TYR A 357 -1.74 14.87 -37.16
C TYR A 357 -0.96 16.03 -37.71
N GLU A 358 0.19 15.80 -38.34
CA GLU A 358 0.88 16.97 -38.92
C GLU A 358 0.11 17.63 -40.05
N ARG A 359 -0.64 16.86 -40.84
CA ARG A 359 -1.45 17.51 -41.89
C ARG A 359 -2.56 18.35 -41.24
N LEU A 360 -3.16 17.84 -40.14
CA LEU A 360 -4.16 18.59 -39.44
C LEU A 360 -3.55 19.84 -38.84
N PHE A 361 -2.39 19.80 -38.18
CA PHE A 361 -1.81 21.01 -37.59
C PHE A 361 -1.52 22.03 -38.68
N GLU A 362 -0.94 21.61 -39.81
CA GLU A 362 -0.58 22.59 -40.83
C GLU A 362 -1.84 23.34 -41.29
N HIS A 363 -2.94 22.63 -41.50
CA HIS A 363 -4.17 23.30 -41.91
C HIS A 363 -4.72 24.19 -40.81
N ILE A 364 -4.94 23.62 -39.62
CA ILE A 364 -5.52 24.35 -38.53
C ILE A 364 -4.75 25.59 -38.16
N ASN A 365 -3.45 25.51 -38.07
CA ASN A 365 -2.65 26.61 -37.59
C ASN A 365 -2.57 27.73 -38.65
N SER A 366 -2.90 27.40 -39.90
CA SER A 366 -2.87 28.44 -40.99
C SER A 366 -4.24 29.00 -41.26
N GLN A 367 -5.29 28.54 -40.61
CA GLN A 367 -6.65 29.03 -40.86
C GLN A 367 -6.96 29.96 -39.70
N ALA A 368 -6.79 31.26 -39.92
CA ALA A 368 -7.01 32.18 -38.82
C ALA A 368 -8.36 32.08 -38.15
N HIS A 369 -9.42 31.73 -38.88
CA HIS A 369 -10.74 31.67 -38.27
C HIS A 369 -10.85 30.67 -37.08
N PHE A 370 -10.00 29.65 -37.03
CA PHE A 370 -10.03 28.73 -35.87
C PHE A 370 -9.41 29.35 -34.65
N ASN A 371 -8.46 30.26 -34.82
CA ASN A 371 -7.74 30.88 -33.72
C ASN A 371 -7.14 29.84 -32.78
N VAL A 372 -6.48 28.86 -33.40
CA VAL A 372 -5.86 27.75 -32.64
C VAL A 372 -4.44 27.58 -33.10
N GLN A 373 -3.52 27.32 -32.16
CA GLN A 373 -2.13 26.94 -32.46
C GLN A 373 -1.95 25.53 -31.82
N ALA A 374 -1.86 24.49 -32.65
CA ALA A 374 -1.78 23.08 -32.16
C ALA A 374 -0.45 22.48 -32.49
N GLN A 375 0.11 21.68 -31.59
CA GLN A 375 1.38 21.03 -31.82
C GLN A 375 1.53 19.82 -30.92
N PHE A 376 2.48 18.97 -31.26
CA PHE A 376 2.85 17.89 -30.32
C PHE A 376 3.54 18.55 -29.15
N GLY A 377 3.32 18.00 -27.95
CA GLY A 377 3.98 18.53 -26.78
C GLY A 377 4.18 17.44 -25.78
N THR A 378 4.84 17.84 -24.68
CA THR A 378 5.02 16.95 -23.53
C THR A 378 4.13 17.44 -22.39
N LEU A 379 4.07 16.64 -21.32
CA LEU A 379 3.25 17.00 -20.18
C LEU A 379 3.76 18.26 -19.49
N GLN A 380 5.06 18.34 -19.28
CA GLN A 380 5.62 19.53 -18.62
C GLN A 380 5.37 20.77 -19.48
N GLU A 381 5.43 20.65 -20.81
CA GLU A 381 5.15 21.83 -21.63
C GLU A 381 3.73 22.33 -21.39
N TYR A 382 2.77 21.40 -21.30
CA TYR A 382 1.40 21.80 -20.99
C TYR A 382 1.35 22.56 -19.63
N PHE A 383 1.91 21.98 -18.57
CA PHE A 383 1.78 22.64 -17.28
C PHE A 383 2.53 23.98 -17.28
N ASP A 384 3.70 24.04 -17.89
CA ASP A 384 4.40 25.35 -17.93
C ASP A 384 3.55 26.41 -18.59
N ALA A 385 2.86 26.09 -19.66
CA ALA A 385 1.99 27.06 -20.34
C ALA A 385 0.78 27.43 -19.49
N VAL A 386 0.19 26.44 -18.80
CA VAL A 386 -0.92 26.76 -17.90
C VAL A 386 -0.47 27.75 -16.83
N HIS A 387 0.69 27.53 -16.22
CA HIS A 387 1.12 28.44 -15.17
C HIS A 387 1.53 29.81 -15.72
N GLN A 388 2.01 29.85 -16.96
CA GLN A 388 2.31 31.18 -17.58
C GLN A 388 0.99 31.94 -17.67
N ALA A 389 -0.08 31.28 -18.04
CA ALA A 389 -1.42 31.92 -18.13
C ALA A 389 -1.87 32.40 -16.77
N GLU A 390 -1.68 31.57 -15.74
CA GLU A 390 -2.04 31.92 -14.36
C GLU A 390 -1.26 33.16 -13.89
N ARG A 391 0.05 33.20 -14.12
CA ARG A 391 0.86 34.34 -13.69
C ARG A 391 0.48 35.60 -14.48
N ALA A 392 -0.07 35.44 -15.67
CA ALA A 392 -0.46 36.62 -16.47
C ALA A 392 -1.84 37.08 -15.93
N GLY A 393 -2.38 36.38 -14.92
CA GLY A 393 -3.66 36.79 -14.38
C GLY A 393 -4.83 36.34 -15.20
N GLN A 394 -4.64 35.35 -16.06
CA GLN A 394 -5.76 34.95 -16.86
C GLN A 394 -6.67 33.88 -16.21
N ALA A 395 -6.24 33.29 -15.09
CA ALA A 395 -7.03 32.27 -14.40
C ALA A 395 -6.58 32.15 -12.95
N GLU A 396 -7.48 31.73 -12.08
CA GLU A 396 -7.10 31.45 -10.69
C GLU A 396 -7.74 30.07 -10.46
N PHE A 397 -7.08 29.28 -9.63
CA PHE A 397 -7.56 27.92 -9.45
C PHE A 397 -8.10 27.67 -8.05
N PRO A 398 -9.08 26.82 -7.99
CA PRO A 398 -9.69 26.48 -6.69
C PRO A 398 -8.80 25.58 -5.85
N THR A 399 -9.02 25.60 -4.56
CA THR A 399 -8.33 24.72 -3.62
C THR A 399 -9.26 23.51 -3.34
N LEU A 400 -8.64 22.34 -3.08
CA LEU A 400 -9.42 21.11 -2.84
C LEU A 400 -8.71 20.24 -1.84
N SER A 401 -9.53 19.60 -1.00
CA SER A 401 -8.98 18.52 -0.16
C SER A 401 -9.97 17.36 -0.22
N GLY A 402 -9.45 16.19 0.12
CA GLY A 402 -10.23 14.95 0.12
C GLY A 402 -9.59 13.89 -0.76
N ASP A 403 -10.30 12.81 -1.00
CA ASP A 403 -9.78 11.72 -1.85
C ASP A 403 -10.80 11.44 -2.93
N PHE A 404 -10.46 10.50 -3.78
CA PHE A 404 -11.28 10.09 -4.94
C PHE A 404 -11.54 8.60 -4.93
N PHE A 405 -12.04 8.13 -3.77
CA PHE A 405 -12.53 6.75 -3.63
C PHE A 405 -13.99 6.85 -3.17
N THR A 406 -14.87 5.90 -3.49
CA THR A 406 -14.62 4.73 -4.34
C THR A 406 -15.02 5.03 -5.77
N TYR A 407 -14.15 4.72 -6.71
CA TYR A 407 -14.38 4.96 -8.11
C TYR A 407 -15.46 4.10 -8.69
N ALA A 408 -16.26 4.70 -9.58
CA ALA A 408 -17.18 3.95 -10.47
C ALA A 408 -16.97 4.57 -11.85
N ASP A 409 -16.80 3.69 -12.85
CA ASP A 409 -16.62 4.20 -14.22
C ASP A 409 -17.96 4.31 -14.95
N ARG A 410 -19.01 3.62 -14.48
CA ARG A 410 -20.35 3.69 -15.11
C ARG A 410 -21.37 3.05 -14.20
N SER A 411 -22.61 3.52 -14.31
CA SER A 411 -23.75 3.04 -13.56
CA SER A 411 -23.74 2.93 -13.61
C SER A 411 -23.44 2.73 -12.09
N ASP A 412 -23.68 1.49 -11.66
CA ASP A 412 -23.43 1.14 -10.24
C ASP A 412 -22.17 0.28 -10.13
N ASN A 413 -21.31 0.34 -11.15
CA ASN A 413 -20.10 -0.50 -11.18
C ASN A 413 -18.97 0.18 -10.39
N TYR A 414 -18.99 0.01 -9.09
CA TYR A 414 -17.98 0.55 -8.15
C TYR A 414 -16.84 -0.46 -8.00
N TRP A 415 -15.64 0.09 -8.10
CA TRP A 415 -14.43 -0.72 -8.10
C TRP A 415 -13.95 -0.93 -6.67
N SER A 416 -14.77 -1.53 -5.82
CA SER A 416 -14.34 -1.81 -4.45
C SER A 416 -13.91 -3.32 -4.30
N GLY A 417 -14.08 -4.13 -5.33
CA GLY A 417 -13.62 -5.52 -5.20
C GLY A 417 -12.13 -5.64 -5.04
N TYR A 418 -11.37 -4.80 -5.77
CA TYR A 418 -9.92 -4.95 -5.75
C TYR A 418 -9.31 -4.50 -4.41
N TYR A 419 -10.10 -3.95 -3.49
CA TYR A 419 -9.59 -3.67 -2.16
C TYR A 419 -9.31 -5.00 -1.42
N THR A 420 -9.83 -6.12 -1.91
CA THR A 420 -9.64 -7.43 -1.29
C THR A 420 -9.06 -8.47 -2.21
N SER A 421 -9.23 -8.37 -3.54
CA SER A 421 -8.83 -9.45 -4.43
C SER A 421 -7.42 -9.94 -4.19
N ARG A 422 -7.20 -11.28 -4.24
CA ARG A 422 -5.85 -11.88 -4.03
C ARG A 422 -5.27 -11.40 -2.69
N PRO A 423 -5.98 -11.68 -1.60
CA PRO A 423 -5.52 -11.20 -0.29
C PRO A 423 -4.24 -11.82 0.20
N TYR A 424 -3.88 -13.03 -0.27
CA TYR A 424 -2.60 -13.60 0.14
C TYR A 424 -1.46 -12.64 -0.23
N HIS A 425 -1.52 -12.11 -1.45
CA HIS A 425 -0.43 -11.26 -1.92
C HIS A 425 -0.47 -9.88 -1.32
N LYS A 426 -1.69 -9.41 -0.97
CA LYS A 426 -1.82 -8.14 -0.22
C LYS A 426 -1.12 -8.26 1.13
N ARG A 427 -1.30 -9.42 1.82
CA ARG A 427 -0.60 -9.61 3.08
C ARG A 427 0.93 -9.72 2.86
N MET A 428 1.30 -10.47 1.82
CA MET A 428 2.73 -10.61 1.51
C MET A 428 3.38 -9.25 1.29
N ASP A 429 2.69 -8.31 0.64
CA ASP A 429 3.20 -6.94 0.45
C ASP A 429 3.65 -6.34 1.78
N ARG A 430 2.83 -6.46 2.81
CA ARG A 430 3.15 -5.83 4.07
C ARG A 430 4.31 -6.53 4.78
N VAL A 431 4.42 -7.85 4.59
CA VAL A 431 5.55 -8.60 5.18
C VAL A 431 6.85 -8.12 4.49
N LEU A 432 6.84 -8.09 3.17
CA LEU A 432 8.06 -7.68 2.44
C LEU A 432 8.37 -6.20 2.71
N MET A 433 7.34 -5.36 2.87
CA MET A 433 7.59 -3.95 3.21
C MET A 433 8.49 -3.87 4.44
N HIS A 434 8.14 -4.61 5.47
CA HIS A 434 8.90 -4.57 6.72
C HIS A 434 10.28 -5.20 6.55
N TYR A 435 10.38 -6.33 5.83
CA TYR A 435 11.68 -6.99 5.60
CA TYR A 435 11.73 -6.88 5.71
C TYR A 435 12.65 -6.08 4.84
N VAL A 436 12.15 -5.32 3.86
CA VAL A 436 13.02 -4.40 3.12
C VAL A 436 13.48 -3.29 4.09
N ARG A 437 12.58 -2.72 4.89
CA ARG A 437 13.01 -1.70 5.82
C ARG A 437 14.07 -2.24 6.77
N ALA A 438 13.81 -3.45 7.36
CA ALA A 438 14.74 -4.00 8.35
C ALA A 438 16.08 -4.35 7.70
N ALA A 439 16.09 -4.90 6.47
CA ALA A 439 17.36 -5.22 5.82
C ALA A 439 18.16 -3.97 5.49
N GLU A 440 17.50 -2.95 4.98
CA GLU A 440 18.21 -1.72 4.68
C GLU A 440 18.74 -1.08 5.97
N MET A 441 17.98 -1.07 7.06
CA MET A 441 18.41 -0.46 8.29
C MET A 441 19.57 -1.26 8.95
N LEU A 442 19.41 -2.57 9.07
CA LEU A 442 20.44 -3.39 9.71
C LEU A 442 21.74 -3.33 8.99
N SER A 443 21.72 -3.28 7.66
CA SER A 443 22.98 -3.25 6.91
C SER A 443 23.53 -1.84 6.78
N ALA A 444 22.77 -0.80 7.04
CA ALA A 444 23.26 0.58 6.90
C ALA A 444 24.31 0.93 7.90
N TRP A 445 24.33 0.28 9.06
CA TRP A 445 25.28 0.63 10.13
C TRP A 445 26.73 0.49 9.72
N HIS A 446 27.03 -0.39 8.78
CA HIS A 446 28.40 -0.59 8.34
C HIS A 446 28.47 -0.34 6.84
N SER A 447 29.71 -0.15 6.41
CA SER A 447 30.08 -0.14 5.01
C SER A 447 30.47 -1.62 4.68
N TRP A 448 30.06 -2.17 3.56
CA TRP A 448 30.32 -3.55 3.23
C TRP A 448 31.19 -3.70 2.00
N ASP A 449 32.11 -4.65 2.04
CA ASP A 449 32.90 -4.95 0.88
C ASP A 449 31.97 -5.44 -0.23
N GLY A 450 32.32 -5.16 -1.48
CA GLY A 450 31.51 -5.60 -2.59
C GLY A 450 31.27 -7.09 -2.63
N MET A 451 32.21 -7.89 -2.13
CA MET A 451 32.06 -9.34 -2.14
C MET A 451 30.90 -9.83 -1.26
N ALA A 452 30.42 -8.98 -0.36
CA ALA A 452 29.32 -9.38 0.49
C ALA A 452 27.99 -9.31 -0.27
N ARG A 453 27.97 -8.66 -1.43
CA ARG A 453 26.74 -8.60 -2.27
C ARG A 453 25.56 -7.96 -1.56
N ILE A 454 25.80 -7.06 -0.64
CA ILE A 454 24.70 -6.45 0.10
C ILE A 454 23.92 -5.52 -0.79
N GLU A 455 24.57 -4.63 -1.51
CA GLU A 455 23.86 -3.68 -2.39
C GLU A 455 23.12 -4.46 -3.45
N GLU A 456 23.66 -5.54 -3.98
CA GLU A 456 23.02 -6.32 -4.99
C GLU A 456 21.69 -6.91 -4.46
N ARG A 457 21.75 -7.51 -3.27
CA ARG A 457 20.52 -8.14 -2.72
C ARG A 457 19.48 -7.11 -2.37
N LEU A 458 19.90 -5.98 -1.83
CA LEU A 458 18.93 -4.93 -1.47
C LEU A 458 18.32 -4.33 -2.71
N GLU A 459 19.10 -4.16 -3.80
CA GLU A 459 18.49 -3.59 -5.01
C GLU A 459 17.45 -4.57 -5.55
N GLN A 460 17.73 -5.86 -5.54
CA GLN A 460 16.74 -6.84 -5.98
C GLN A 460 15.48 -6.75 -5.13
N ALA A 461 15.64 -6.71 -3.80
CA ALA A 461 14.44 -6.69 -2.94
C ALA A 461 13.64 -5.42 -3.18
N ARG A 462 14.30 -4.27 -3.24
CA ARG A 462 13.57 -3.03 -3.47
C ARG A 462 12.82 -3.08 -4.80
N ARG A 463 13.44 -3.64 -5.84
CA ARG A 463 12.81 -3.59 -7.15
C ARG A 463 11.65 -4.55 -7.23
N GLU A 464 11.70 -5.73 -6.60
CA GLU A 464 10.55 -6.62 -6.65
C GLU A 464 9.40 -6.06 -5.85
N LEU A 465 9.67 -5.48 -4.69
CA LEU A 465 8.57 -4.90 -3.90
C LEU A 465 8.00 -3.69 -4.69
N SER A 466 8.88 -2.89 -5.29
CA SER A 466 8.43 -1.75 -6.08
C SER A 466 7.55 -2.17 -7.25
N LEU A 467 7.93 -3.22 -7.96
CA LEU A 467 7.14 -3.71 -9.06
C LEU A 467 5.70 -4.06 -8.60
N PHE A 468 5.60 -4.68 -7.43
CA PHE A 468 4.31 -5.15 -6.94
C PHE A 468 3.39 -4.00 -6.59
N GLN A 469 3.90 -2.78 -6.45
CA GLN A 469 3.04 -1.63 -6.20
C GLN A 469 2.21 -1.29 -7.42
N HIS A 470 2.53 -1.83 -8.57
CA HIS A 470 1.76 -1.61 -9.79
C HIS A 470 0.29 -1.77 -9.53
N HIS A 471 -0.52 -1.03 -10.28
CA HIS A 471 -1.97 -1.07 -10.16
C HIS A 471 -2.64 -2.32 -10.75
N ASP A 472 -1.84 -3.33 -11.20
CA ASP A 472 -2.39 -4.67 -11.39
C ASP A 472 -1.64 -5.68 -10.53
N GLY A 473 -0.79 -5.22 -9.60
CA GLY A 473 -0.01 -6.11 -8.73
C GLY A 473 -0.75 -6.29 -7.42
N ILE A 474 -0.49 -5.37 -6.49
CA ILE A 474 -1.12 -5.45 -5.17
C ILE A 474 -2.64 -5.42 -5.25
N THR A 475 -3.20 -4.85 -6.30
CA THR A 475 -4.65 -4.77 -6.49
C THR A 475 -5.27 -6.16 -6.72
N GLY A 476 -4.50 -7.18 -7.09
CA GLY A 476 -5.14 -8.46 -7.33
C GLY A 476 -5.95 -8.52 -8.61
N THR A 477 -5.59 -7.73 -9.63
CA THR A 477 -6.34 -7.69 -10.86
C THR A 477 -5.56 -8.25 -12.05
N ALA A 478 -4.54 -9.11 -11.82
CA ALA A 478 -3.78 -9.71 -12.93
C ALA A 478 -4.20 -11.16 -13.16
N LYS A 479 -3.80 -11.69 -14.32
CA LYS A 479 -4.11 -13.11 -14.61
C LYS A 479 -3.39 -13.99 -13.62
N THR A 480 -3.89 -15.21 -13.45
CA THR A 480 -3.30 -16.13 -12.51
C THR A 480 -1.79 -16.33 -12.66
N HIS A 481 -1.30 -16.54 -13.89
CA HIS A 481 0.14 -16.78 -14.03
C HIS A 481 0.96 -15.56 -13.77
N VAL A 482 0.37 -14.37 -13.87
CA VAL A 482 1.05 -13.11 -13.55
C VAL A 482 1.12 -12.94 -12.03
N VAL A 483 0.03 -13.26 -11.34
CA VAL A 483 0.07 -13.25 -9.90
C VAL A 483 1.19 -14.18 -9.39
N VAL A 484 1.31 -15.37 -10.03
CA VAL A 484 2.38 -16.32 -9.63
C VAL A 484 3.76 -15.69 -9.86
N ASP A 485 3.94 -14.99 -10.97
CA ASP A 485 5.21 -14.34 -11.20
C ASP A 485 5.52 -13.31 -10.11
N TYR A 486 4.53 -12.47 -9.75
CA TYR A 486 4.76 -11.48 -8.68
C TYR A 486 5.11 -12.18 -7.36
N GLU A 487 4.41 -13.29 -7.07
CA GLU A 487 4.68 -14.02 -5.84
C GLU A 487 6.12 -14.57 -5.81
N GLN A 488 6.56 -15.16 -6.93
CA GLN A 488 7.92 -15.72 -7.02
C GLN A 488 8.92 -14.62 -6.87
N ARG A 489 8.70 -13.44 -7.49
CA ARG A 489 9.62 -12.31 -7.34
C ARG A 489 9.68 -11.86 -5.88
N MET A 490 8.52 -11.78 -5.20
CA MET A 490 8.53 -11.36 -3.82
C MET A 490 9.19 -12.41 -2.92
N GLN A 491 9.05 -13.68 -3.24
CA GLN A 491 9.73 -14.73 -2.43
C GLN A 491 11.25 -14.59 -2.53
N GLU A 492 11.73 -14.31 -3.73
CA GLU A 492 13.14 -14.09 -3.91
C GLU A 492 13.57 -12.86 -3.15
N ALA A 493 12.74 -11.82 -3.17
CA ALA A 493 13.07 -10.60 -2.42
C ALA A 493 13.13 -10.88 -0.90
N LEU A 494 12.20 -11.68 -0.37
CA LEU A 494 12.25 -12.03 1.05
C LEU A 494 13.54 -12.76 1.38
N LYS A 495 13.97 -13.70 0.52
CA LYS A 495 15.23 -14.43 0.75
C LYS A 495 16.41 -13.48 0.71
N ALA A 496 16.40 -12.48 -0.19
CA ALA A 496 17.46 -11.53 -0.25
C ALA A 496 17.52 -10.71 1.06
N CYS A 497 16.36 -10.28 1.56
CA CYS A 497 16.33 -9.54 2.82
C CYS A 497 16.83 -10.38 3.98
N GLN A 498 16.41 -11.64 4.02
CA GLN A 498 16.89 -12.51 5.10
C GLN A 498 18.41 -12.59 5.07
N MET A 499 19.00 -12.79 3.89
CA MET A 499 20.44 -12.93 3.79
C MET A 499 21.14 -11.69 4.34
N VAL A 500 20.69 -10.51 3.90
CA VAL A 500 21.29 -9.28 4.34
C VAL A 500 21.10 -9.07 5.85
N MET A 501 19.90 -9.31 6.35
CA MET A 501 19.63 -9.13 7.79
C MET A 501 20.53 -10.04 8.61
N GLN A 502 20.64 -11.33 8.25
CA GLN A 502 21.40 -12.23 9.13
C GLN A 502 22.88 -11.97 9.05
N GLN A 503 23.41 -11.58 7.88
CA GLN A 503 24.82 -11.17 7.85
C GLN A 503 25.05 -9.96 8.72
N SER A 504 24.11 -9.00 8.73
CA SER A 504 24.25 -7.78 9.51
C SER A 504 24.21 -8.06 11.02
N VAL A 505 23.29 -8.94 11.42
CA VAL A 505 23.20 -9.29 12.84
C VAL A 505 24.52 -9.93 13.29
N TYR A 506 25.06 -10.86 12.52
CA TYR A 506 26.31 -11.50 12.90
C TYR A 506 27.41 -10.44 13.06
N ARG A 507 27.50 -9.47 12.17
CA ARG A 507 28.53 -8.44 12.30
C ARG A 507 28.28 -7.50 13.47
N LEU A 508 27.02 -7.14 13.74
CA LEU A 508 26.74 -6.20 14.80
C LEU A 508 26.89 -6.76 16.19
N LEU A 509 26.83 -8.09 16.34
CA LEU A 509 26.85 -8.70 17.67
C LEU A 509 28.04 -9.63 17.88
N THR A 510 29.10 -9.56 17.06
CA THR A 510 30.27 -10.42 17.29
C THR A 510 31.47 -9.48 17.55
N LYS A 511 32.31 -9.86 18.52
CA LYS A 511 33.54 -9.07 18.83
C LYS A 511 34.24 -8.88 17.53
N PRO A 512 34.64 -7.63 17.22
CA PRO A 512 35.27 -7.44 15.92
C PRO A 512 36.52 -8.23 15.51
N SER A 513 37.35 -8.49 16.50
CA SER A 513 38.59 -9.26 16.22
C SER A 513 38.34 -10.74 16.07
N ILE A 514 37.10 -11.18 16.31
CA ILE A 514 36.69 -12.60 16.19
C ILE A 514 35.84 -12.77 14.92
N TYR A 515 35.11 -11.72 14.54
CA TYR A 515 34.20 -11.74 13.37
C TYR A 515 34.92 -12.29 12.13
N SER A 516 34.40 -13.38 11.56
CA SER A 516 35.07 -14.01 10.41
C SER A 516 34.00 -14.41 9.42
N PRO A 517 33.53 -13.45 8.65
CA PRO A 517 32.45 -13.80 7.75
C PRO A 517 32.71 -14.54 6.49
N ASP A 518 31.78 -15.41 6.19
CA ASP A 518 31.72 -16.08 4.90
C ASP A 518 30.37 -15.46 4.44
N PHE A 519 30.44 -14.64 3.39
CA PHE A 519 29.26 -13.92 2.92
C PHE A 519 28.19 -14.75 2.26
N SER A 520 28.45 -16.05 2.08
CA SER A 520 27.44 -16.95 1.50
C SER A 520 26.81 -17.81 2.60
N PHE A 521 27.33 -17.72 3.84
CA PHE A 521 26.88 -18.62 4.93
C PHE A 521 25.69 -18.08 5.70
N SER A 522 24.86 -18.97 6.23
CA SER A 522 23.69 -18.59 7.05
C SER A 522 24.02 -18.73 8.53
N TYR A 523 24.42 -17.63 9.11
CA TYR A 523 24.69 -17.56 10.55
C TYR A 523 23.43 -17.61 11.37
N PHE A 524 22.32 -17.08 10.84
CA PHE A 524 21.04 -17.08 11.54
C PHE A 524 19.97 -17.35 10.51
N THR A 525 18.90 -17.96 10.99
CA THR A 525 17.71 -18.09 10.14
C THR A 525 16.62 -17.25 10.81
N LEU A 526 15.81 -16.57 10.00
CA LEU A 526 14.70 -15.80 10.53
C LEU A 526 13.58 -16.74 10.96
N ASP A 527 12.88 -16.37 11.99
CA ASP A 527 11.73 -17.11 12.46
C ASP A 527 10.59 -16.11 12.41
N ASP A 528 9.57 -16.37 11.61
CA ASP A 528 8.43 -15.46 11.52
C ASP A 528 7.20 -16.25 11.90
N SER A 529 6.52 -15.82 12.94
CA SER A 529 5.35 -16.54 13.43
C SER A 529 4.09 -16.25 12.65
N ARG A 530 4.07 -15.22 11.80
CA ARG A 530 2.84 -14.83 11.14
C ARG A 530 2.94 -14.79 9.68
N TRP A 531 4.02 -15.25 9.09
CA TRP A 531 4.10 -15.32 7.63
C TRP A 531 4.99 -16.50 7.25
N PRO A 532 4.50 -17.42 6.38
CA PRO A 532 3.15 -17.45 5.79
C PRO A 532 2.08 -17.72 6.82
N GLY A 533 2.46 -18.24 7.97
CA GLY A 533 1.50 -18.48 9.03
C GLY A 533 1.20 -19.96 9.24
N SER A 534 0.87 -20.23 10.50
CA SER A 534 0.53 -21.61 10.92
C SER A 534 -0.71 -21.93 10.10
N GLY A 535 -0.70 -23.11 9.46
CA GLY A 535 -1.84 -23.50 8.65
C GLY A 535 -1.72 -23.10 7.20
N VAL A 536 -0.69 -22.30 6.91
CA VAL A 536 -0.46 -21.83 5.55
C VAL A 536 0.76 -22.55 5.00
N GLU A 537 1.88 -22.52 5.73
CA GLU A 537 3.08 -23.22 5.30
C GLU A 537 3.82 -23.71 6.56
N ASP A 538 4.37 -24.92 6.53
CA ASP A 538 5.18 -25.35 7.70
C ASP A 538 6.58 -24.89 7.25
N SER A 539 6.97 -23.70 7.69
CA SER A 539 8.23 -23.09 7.26
C SER A 539 9.20 -22.78 8.39
N ARG A 540 8.71 -22.79 9.61
CA ARG A 540 9.50 -22.46 10.79
C ARG A 540 10.35 -23.60 11.26
N THR A 541 11.55 -23.25 11.65
CA THR A 541 12.41 -24.29 12.13
C THR A 541 12.19 -24.45 13.65
N THR A 542 12.31 -25.69 14.07
CA THR A 542 12.22 -26.01 15.48
C THR A 542 13.65 -25.96 16.02
N ILE A 543 13.83 -25.31 17.16
CA ILE A 543 15.12 -25.30 17.82
C ILE A 543 15.25 -26.67 18.54
N ILE A 544 16.22 -27.43 18.09
CA ILE A 544 16.42 -28.78 18.60
C ILE A 544 17.47 -28.82 19.68
N LEU A 545 16.99 -29.11 20.87
CA LEU A 545 17.83 -29.16 22.06
C LEU A 545 17.75 -30.56 22.63
N GLY A 546 18.77 -30.98 23.35
CA GLY A 546 18.71 -32.30 23.95
C GLY A 546 20.01 -32.52 24.66
N GLU A 547 19.95 -33.31 25.73
CA GLU A 547 21.18 -33.60 26.51
C GLU A 547 22.28 -34.29 25.71
N ASP A 548 21.87 -35.09 24.73
CA ASP A 548 22.83 -35.81 23.88
C ASP A 548 23.10 -35.10 22.55
N ILE A 549 22.71 -33.82 22.41
CA ILE A 549 22.97 -33.14 21.13
C ILE A 549 23.35 -31.64 21.26
N LEU A 550 22.60 -30.90 22.07
CA LEU A 550 22.86 -29.44 22.14
C LEU A 550 22.07 -28.91 23.33
N PRO A 551 22.75 -28.39 24.35
CA PRO A 551 22.01 -27.90 25.51
C PRO A 551 21.29 -26.57 25.39
N SER A 552 21.78 -25.70 24.49
CA SER A 552 21.22 -24.34 24.44
C SER A 552 21.39 -23.73 23.05
N LYS A 553 20.65 -22.64 22.88
CA LYS A 553 20.63 -21.94 21.60
C LYS A 553 20.45 -20.41 21.84
N HIS A 554 21.30 -19.65 21.14
CA HIS A 554 21.13 -18.19 21.13
C HIS A 554 20.10 -17.75 20.07
N VAL A 555 19.27 -16.79 20.47
CA VAL A 555 18.33 -16.15 19.57
C VAL A 555 18.54 -14.63 19.72
N VAL A 556 18.20 -13.90 18.66
CA VAL A 556 18.39 -12.43 18.66
C VAL A 556 17.13 -11.77 18.13
N MET A 557 16.69 -10.71 18.78
CA MET A 557 15.56 -9.90 18.29
C MET A 557 16.05 -8.55 17.81
N HIS A 558 15.49 -8.10 16.69
CA HIS A 558 15.74 -6.75 16.15
C HIS A 558 14.48 -5.91 16.26
N ASN A 559 14.68 -4.63 16.63
CA ASN A 559 13.59 -3.66 16.75
C ASN A 559 13.88 -2.49 15.80
N THR A 560 13.17 -2.43 14.68
CA THR A 560 13.42 -1.36 13.72
C THR A 560 12.90 0.00 14.15
N LEU A 561 12.02 0.06 15.15
CA LEU A 561 11.45 1.35 15.59
C LEU A 561 12.42 2.10 16.49
N PRO A 562 12.40 3.43 16.46
CA PRO A 562 13.34 4.24 17.25
C PRO A 562 12.95 4.50 18.68
N HIS A 563 12.40 3.49 19.35
CA HIS A 563 12.16 3.62 20.78
C HIS A 563 12.33 2.25 21.39
N TRP A 564 12.68 2.19 22.65
CA TRP A 564 12.77 0.91 23.36
C TRP A 564 11.42 0.21 23.23
N ARG A 565 11.45 -1.10 23.02
CA ARG A 565 10.21 -1.80 22.83
C ARG A 565 10.27 -3.17 23.47
N GLU A 566 9.19 -3.51 24.16
CA GLU A 566 8.97 -4.89 24.63
C GLU A 566 7.86 -5.55 23.79
N GLN A 567 8.04 -6.84 23.49
CA GLN A 567 7.00 -7.55 22.74
C GLN A 567 7.22 -9.01 23.08
N LEU A 568 6.11 -9.73 23.23
CA LEU A 568 6.28 -11.19 23.42
C LEU A 568 6.71 -11.80 22.12
N VAL A 569 7.63 -12.74 22.18
CA VAL A 569 8.11 -13.46 21.04
C VAL A 569 7.99 -14.97 21.31
N ASP A 570 7.82 -15.76 20.25
CA ASP A 570 7.70 -17.21 20.44
C ASP A 570 8.60 -17.95 19.48
N PHE A 571 9.08 -19.10 19.93
CA PHE A 571 9.90 -19.98 19.11
C PHE A 571 9.38 -21.42 19.30
N TYR A 572 9.58 -22.26 18.30
CA TYR A 572 9.30 -23.69 18.45
C TYR A 572 10.56 -24.33 18.97
N VAL A 573 10.36 -25.22 19.95
CA VAL A 573 11.46 -25.96 20.62
C VAL A 573 11.06 -27.43 20.72
N SER A 574 12.09 -28.27 20.78
CA SER A 574 11.85 -29.74 20.79
C SER A 574 11.60 -30.33 22.14
N SER A 575 11.52 -29.53 23.20
CA SER A 575 11.19 -29.96 24.55
C SER A 575 10.38 -28.93 25.26
N PRO A 576 9.51 -29.33 26.20
CA PRO A 576 8.76 -28.32 26.91
C PRO A 576 9.61 -27.76 28.08
N PHE A 577 10.74 -28.42 28.42
CA PHE A 577 11.53 -28.01 29.59
C PHE A 577 12.67 -27.12 29.18
N VAL A 578 12.28 -25.86 28.89
CA VAL A 578 13.22 -24.87 28.38
C VAL A 578 13.07 -23.60 29.18
N SER A 579 14.22 -23.01 29.51
CA SER A 579 14.19 -21.73 30.19
C SER A 579 14.98 -20.69 29.38
N VAL A 580 14.66 -19.47 29.67
CA VAL A 580 15.24 -18.35 28.95
C VAL A 580 16.07 -17.47 29.87
N THR A 581 17.20 -17.02 29.34
CA THR A 581 18.06 -16.05 30.03
C THR A 581 18.50 -14.98 29.03
N ASP A 582 18.86 -13.82 29.57
CA ASP A 582 19.48 -12.76 28.74
C ASP A 582 21.05 -13.05 28.75
N LEU A 583 21.87 -12.24 28.04
CA LEU A 583 23.28 -12.63 28.01
C LEU A 583 24.05 -12.32 29.30
N ALA A 584 23.37 -11.68 30.28
CA ALA A 584 24.02 -11.49 31.59
C ALA A 584 23.55 -12.65 32.44
N ASN A 585 22.89 -13.64 31.82
CA ASN A 585 22.42 -14.81 32.51
C ASN A 585 21.31 -14.57 33.51
N ASN A 586 20.59 -13.48 33.37
CA ASN A 586 19.44 -13.16 34.23
C ASN A 586 18.25 -13.98 33.69
N PRO A 587 17.52 -14.67 34.55
CA PRO A 587 16.37 -15.44 34.08
C PRO A 587 15.31 -14.51 33.53
N VAL A 588 14.56 -15.01 32.52
CA VAL A 588 13.48 -14.25 31.91
C VAL A 588 12.25 -15.17 32.03
N GLU A 589 11.16 -14.63 32.51
CA GLU A 589 9.94 -15.44 32.68
C GLU A 589 9.43 -15.91 31.32
N ALA A 590 9.03 -17.16 31.20
CA ALA A 590 8.60 -17.70 29.93
C ALA A 590 7.36 -18.55 30.12
N GLN A 591 6.63 -18.81 29.06
CA GLN A 591 5.45 -19.66 29.05
C GLN A 591 5.61 -20.65 27.95
N VAL A 592 5.31 -21.94 28.19
CA VAL A 592 5.32 -22.92 27.14
C VAL A 592 3.87 -23.33 26.88
N SER A 593 3.52 -23.43 25.61
CA SER A 593 2.19 -23.84 25.14
C SER A 593 2.37 -24.90 24.08
N PRO A 594 1.34 -25.69 23.79
CA PRO A 594 1.51 -26.69 22.75
C PRO A 594 1.55 -26.07 21.34
N VAL A 595 1.94 -26.86 20.33
CA VAL A 595 1.79 -26.40 18.96
C VAL A 595 0.50 -27.06 18.45
N TRP A 596 -0.50 -26.26 18.14
CA TRP A 596 -1.80 -26.70 17.68
C TRP A 596 -1.98 -26.46 16.21
N SER A 597 -2.40 -27.46 15.47
CA SER A 597 -2.68 -27.25 14.07
C SER A 597 -4.10 -27.73 13.77
N TRP A 598 -4.80 -26.99 12.95
CA TRP A 598 -6.20 -27.30 12.64
C TRP A 598 -6.31 -28.09 11.35
N HIS A 599 -7.23 -29.03 11.38
CA HIS A 599 -7.41 -29.88 10.24
C HIS A 599 -8.83 -29.98 9.85
N HIS A 600 -9.09 -29.89 8.55
CA HIS A 600 -10.46 -30.11 8.10
C HIS A 600 -10.43 -31.60 7.91
N ASP A 601 -11.12 -32.29 8.80
CA ASP A 601 -11.14 -33.73 8.81
C ASP A 601 -12.21 -34.23 7.83
N THR A 602 -11.77 -34.75 6.66
CA THR A 602 -12.72 -35.25 5.66
C THR A 602 -13.43 -36.53 6.03
N LEU A 603 -13.01 -37.19 7.11
CA LEU A 603 -13.70 -38.40 7.56
C LEU A 603 -14.82 -38.06 8.56
N THR A 604 -14.51 -37.30 9.63
CA THR A 604 -15.51 -36.92 10.60
C THR A 604 -16.31 -35.70 10.16
N LYS A 605 -15.82 -34.99 9.14
CA LYS A 605 -16.51 -33.77 8.64
C LYS A 605 -16.55 -32.69 9.72
N THR A 606 -15.44 -32.54 10.41
CA THR A 606 -15.32 -31.49 11.44
C THR A 606 -13.96 -30.84 11.24
N ILE A 607 -13.83 -29.62 11.76
CA ILE A 607 -12.57 -28.85 11.70
C ILE A 607 -12.09 -28.83 13.16
N HIS A 608 -10.95 -29.45 13.45
CA HIS A 608 -10.56 -29.61 14.85
C HIS A 608 -9.04 -29.57 14.95
N PRO A 609 -8.55 -29.28 16.14
CA PRO A 609 -7.10 -29.17 16.32
C PRO A 609 -6.37 -30.40 16.78
N GLN A 610 -5.14 -30.50 16.32
CA GLN A 610 -4.29 -31.61 16.73
C GLN A 610 -3.08 -30.99 17.39
N GLY A 611 -2.63 -31.56 18.50
CA GLY A 611 -1.43 -31.02 19.16
C GLY A 611 -0.18 -31.87 18.86
N SER A 612 0.96 -31.22 18.83
CA SER A 612 2.21 -31.96 18.59
C SER A 612 2.67 -32.60 19.87
N THR A 613 3.28 -33.80 19.78
CA THR A 613 3.79 -34.46 20.98
C THR A 613 5.32 -34.36 21.03
N THR A 614 5.91 -33.57 20.11
CA THR A 614 7.37 -33.40 20.11
C THR A 614 7.85 -31.96 19.84
N LYS A 615 6.96 -31.01 19.56
CA LYS A 615 7.37 -29.61 19.31
C LYS A 615 6.49 -28.84 20.24
N TYR A 616 7.02 -27.76 20.81
CA TYR A 616 6.30 -26.91 21.72
C TYR A 616 6.63 -25.46 21.42
N ARG A 617 5.77 -24.56 21.88
CA ARG A 617 6.03 -23.12 21.72
C ARG A 617 6.53 -22.54 23.00
N ILE A 618 7.67 -21.82 22.99
CA ILE A 618 8.12 -21.10 24.16
C ILE A 618 7.92 -19.60 23.87
N ILE A 619 7.40 -18.87 24.83
CA ILE A 619 7.02 -17.48 24.67
C ILE A 619 7.64 -16.68 25.79
N PHE A 620 8.23 -15.51 25.50
CA PHE A 620 8.79 -14.68 26.55
C PHE A 620 8.80 -13.24 26.06
N LYS A 621 8.95 -12.31 26.98
CA LYS A 621 8.99 -10.90 26.63
C LYS A 621 10.38 -10.49 26.29
N ALA A 622 10.59 -10.06 25.06
CA ALA A 622 11.90 -9.51 24.65
C ALA A 622 11.88 -8.00 24.82
N ARG A 623 12.98 -7.41 25.28
CA ARG A 623 13.11 -5.95 25.45
C ARG A 623 14.30 -5.56 24.59
N VAL A 624 14.04 -4.66 23.63
CA VAL A 624 15.04 -4.38 22.59
C VAL A 624 15.26 -2.88 22.45
N PRO A 625 16.53 -2.48 22.31
CA PRO A 625 16.83 -1.04 22.20
C PRO A 625 16.26 -0.39 20.93
N PRO A 626 16.17 0.94 20.91
CA PRO A 626 15.69 1.63 19.69
C PRO A 626 16.63 1.25 18.53
N MET A 627 16.04 0.85 17.38
CA MET A 627 16.81 0.48 16.17
C MET A 627 17.96 -0.44 16.53
N GLY A 628 17.65 -1.42 17.42
CA GLY A 628 18.72 -2.24 18.00
C GLY A 628 18.44 -3.71 18.06
N LEU A 629 19.33 -4.40 18.77
CA LEU A 629 19.28 -5.88 18.87
C LEU A 629 19.43 -6.31 20.30
N ALA A 630 18.85 -7.44 20.63
CA ALA A 630 18.99 -8.04 21.99
C ALA A 630 19.09 -9.54 21.85
N THR A 631 20.05 -10.14 22.58
CA THR A 631 20.33 -11.59 22.51
C THR A 631 19.79 -12.31 23.75
N TYR A 632 19.18 -13.47 23.53
CA TYR A 632 18.71 -14.32 24.64
C TYR A 632 19.18 -15.74 24.35
N VAL A 633 19.10 -16.56 25.41
CA VAL A 633 19.53 -17.94 25.33
C VAL A 633 18.40 -18.85 25.83
N LEU A 634 18.15 -19.89 25.06
CA LEU A 634 17.16 -20.93 25.45
C LEU A 634 17.94 -22.18 25.83
N THR A 635 17.68 -22.68 27.07
CA THR A 635 18.45 -23.85 27.60
C THR A 635 17.47 -24.96 28.02
N ILE A 636 17.85 -26.20 27.67
CA ILE A 636 16.98 -27.33 28.07
C ILE A 636 17.36 -27.80 29.50
N SER A 637 16.36 -28.33 30.20
CA SER A 637 16.62 -28.96 31.51
C SER A 637 15.88 -30.27 31.53
N ASP A 638 16.18 -31.14 32.49
CA ASP A 638 15.51 -32.43 32.51
C ASP A 638 14.09 -32.41 33.10
N SER A 639 13.68 -31.29 33.71
CA SER A 639 12.35 -31.16 34.29
C SER A 639 11.90 -29.70 34.26
N LYS A 640 10.70 -29.42 34.75
CA LYS A 640 10.19 -28.05 34.74
C LYS A 640 11.11 -27.03 35.35
N PRO A 641 11.52 -26.02 34.56
CA PRO A 641 12.40 -24.93 34.97
C PRO A 641 11.68 -23.99 35.93
N GLU A 642 12.42 -23.37 36.82
CA GLU A 642 11.82 -22.46 37.77
C GLU A 642 11.04 -21.25 37.21
N HIS A 643 11.54 -20.69 36.12
CA HIS A 643 10.96 -19.48 35.52
C HIS A 643 10.12 -19.70 34.27
N THR A 644 9.69 -20.93 34.04
CA THR A 644 8.85 -21.22 32.89
C THR A 644 7.55 -21.83 33.39
N SER A 645 6.41 -21.31 32.94
CA SER A 645 5.09 -21.82 33.29
C SER A 645 4.50 -22.50 32.08
N TYR A 646 3.43 -23.28 32.28
CA TYR A 646 2.78 -24.02 31.23
C TYR A 646 1.32 -23.66 31.11
N ALA A 647 0.86 -23.42 29.88
CA ALA A 647 -0.53 -23.09 29.67
C ALA A 647 -1.47 -24.28 29.88
N SER A 648 -2.67 -23.98 30.32
CA SER A 648 -3.69 -25.02 30.37
C SER A 648 -4.42 -24.95 29.04
N ASN A 649 -5.09 -26.02 28.65
CA ASN A 649 -5.78 -26.11 27.37
C ASN A 649 -7.11 -26.79 27.56
N LEU A 650 -8.14 -26.25 26.99
CA LEU A 650 -9.50 -26.76 27.12
C LEU A 650 -10.13 -26.85 25.76
N LEU A 651 -10.56 -28.03 25.34
CA LEU A 651 -11.21 -28.23 24.06
C LEU A 651 -12.71 -28.35 24.29
N LEU A 652 -13.53 -27.45 23.76
CA LEU A 652 -14.97 -27.41 23.95
C LEU A 652 -15.63 -27.92 22.69
N ARG A 653 -16.29 -29.06 22.81
CA ARG A 653 -16.97 -29.69 21.69
C ARG A 653 -17.75 -30.88 22.22
N LYS A 654 -18.77 -31.28 21.48
CA LYS A 654 -19.47 -32.49 21.87
C LYS A 654 -18.64 -33.63 21.24
N ASN A 655 -18.69 -34.81 21.82
CA ASN A 655 -17.97 -35.95 21.24
C ASN A 655 -16.44 -35.75 21.11
N PRO A 656 -15.79 -35.40 22.22
CA PRO A 656 -14.35 -35.19 22.16
C PRO A 656 -13.61 -36.54 22.17
N THR A 657 -12.38 -36.48 21.71
CA THR A 657 -11.49 -37.62 21.77
C THR A 657 -10.20 -37.06 22.40
N SER A 658 -9.37 -37.93 22.92
CA SER A 658 -8.14 -37.54 23.62
C SER A 658 -7.16 -36.75 22.71
N LEU A 659 -6.34 -35.94 23.39
CA LEU A 659 -5.33 -35.07 22.72
C LEU A 659 -4.03 -35.12 23.53
N PRO A 660 -3.27 -36.19 23.34
CA PRO A 660 -1.98 -36.36 24.04
C PRO A 660 -0.95 -35.29 23.55
N LEU A 661 -0.10 -34.87 24.47
CA LEU A 661 0.86 -33.81 24.12
C LEU A 661 2.31 -34.20 24.53
N GLY A 662 2.62 -35.49 24.56
CA GLY A 662 3.98 -35.94 24.92
C GLY A 662 4.40 -35.49 26.29
N GLN A 663 5.59 -34.84 26.34
CA GLN A 663 6.14 -34.38 27.60
C GLN A 663 5.47 -33.17 28.22
N TYR A 664 4.56 -32.53 27.48
CA TYR A 664 3.86 -31.35 28.01
C TYR A 664 3.26 -31.72 29.37
N PRO A 665 3.55 -30.94 30.43
CA PRO A 665 3.07 -31.23 31.78
C PRO A 665 1.67 -31.07 32.26
N GLU A 666 0.81 -30.47 31.46
CA GLU A 666 -0.59 -30.24 31.83
C GLU A 666 -1.43 -31.02 30.85
N ASP A 667 -2.32 -31.84 31.38
CA ASP A 667 -3.21 -32.59 30.50
C ASP A 667 -4.35 -31.68 29.89
N VAL A 668 -4.65 -31.91 28.64
CA VAL A 668 -5.78 -31.18 28.01
C VAL A 668 -7.09 -31.53 28.70
N LYS A 669 -7.96 -30.56 28.90
CA LYS A 669 -9.29 -30.71 29.51
C LYS A 669 -10.32 -30.61 28.39
N PHE A 670 -11.51 -31.18 28.65
CA PHE A 670 -12.61 -31.21 27.70
C PHE A 670 -13.89 -30.74 28.32
N GLY A 671 -14.81 -30.22 27.50
CA GLY A 671 -16.13 -29.82 28.00
C GLY A 671 -17.07 -29.60 26.86
N ASP A 672 -18.36 -29.57 27.18
CA ASP A 672 -19.33 -29.20 26.15
C ASP A 672 -19.18 -27.66 25.87
N PRO A 673 -19.57 -27.23 24.65
CA PRO A 673 -19.48 -25.79 24.34
C PRO A 673 -20.16 -24.96 25.42
N ARG A 674 -19.57 -23.82 25.75
CA ARG A 674 -20.13 -22.96 26.78
C ARG A 674 -19.49 -21.57 26.63
N GLU A 675 -20.14 -20.56 27.17
CA GLU A 675 -19.54 -19.23 27.18
C GLU A 675 -18.31 -19.23 28.09
N ILE A 676 -17.31 -18.43 27.75
CA ILE A 676 -16.14 -18.36 28.56
C ILE A 676 -15.61 -16.93 28.65
N SER A 677 -14.84 -16.67 29.67
CA SER A 677 -14.27 -15.35 29.88
C SER A 677 -12.79 -15.52 30.21
N LEU A 678 -11.96 -14.58 29.76
CA LEU A 678 -10.53 -14.64 29.99
C LEU A 678 -9.98 -13.25 30.27
N ARG A 679 -8.93 -13.19 31.07
CA ARG A 679 -8.23 -11.95 31.36
C ARG A 679 -6.74 -12.27 31.52
N VAL A 680 -5.86 -11.62 30.76
CA VAL A 680 -4.44 -11.76 30.92
C VAL A 680 -3.90 -10.49 31.58
N GLY A 681 -3.05 -10.70 32.59
CA GLY A 681 -2.48 -9.56 33.34
C GLY A 681 -3.57 -8.67 33.95
N ASN A 682 -3.38 -7.36 33.80
CA ASN A 682 -4.36 -6.39 34.30
C ASN A 682 -5.11 -5.85 33.12
N GLY A 683 -5.03 -6.57 32.01
CA GLY A 683 -5.62 -6.10 30.77
C GLY A 683 -7.11 -6.25 30.74
N PRO A 684 -7.73 -6.14 29.56
CA PRO A 684 -9.20 -6.27 29.53
C PRO A 684 -9.66 -7.72 29.76
N THR A 685 -10.92 -7.84 30.15
CA THR A 685 -11.55 -9.16 30.32
C THR A 685 -12.43 -9.32 29.07
N LEU A 686 -12.27 -10.42 28.35
CA LEU A 686 -13.00 -10.68 27.14
C LEU A 686 -13.95 -11.84 27.37
N ALA A 687 -15.19 -11.71 26.93
CA ALA A 687 -16.12 -12.81 27.03
C ALA A 687 -16.45 -13.30 25.64
N PHE A 688 -16.61 -14.63 25.54
CA PHE A 688 -16.86 -15.29 24.28
C PHE A 688 -18.13 -16.12 24.27
N SER A 689 -18.81 -16.21 23.16
CA SER A 689 -19.99 -17.04 22.99
C SER A 689 -19.55 -18.51 22.98
N GLU A 690 -20.54 -19.39 23.04
CA GLU A 690 -20.22 -20.81 22.98
C GLU A 690 -19.66 -21.21 21.61
N GLN A 691 -19.78 -20.32 20.63
CA GLN A 691 -19.18 -20.59 19.32
C GLN A 691 -17.74 -20.02 19.23
N GLY A 692 -17.20 -19.54 20.31
CA GLY A 692 -15.81 -19.11 20.31
C GLY A 692 -15.61 -17.72 19.76
N LEU A 693 -16.66 -16.90 19.65
CA LEU A 693 -16.56 -15.55 19.09
C LEU A 693 -16.75 -14.53 20.17
N LEU A 694 -15.96 -13.46 20.12
CA LEU A 694 -16.08 -12.40 21.08
C LEU A 694 -17.49 -11.87 21.18
N LYS A 695 -17.91 -11.62 22.41
CA LYS A 695 -19.23 -11.00 22.65
C LYS A 695 -19.09 -9.74 23.49
N SER A 696 -18.07 -9.57 24.30
CA SER A 696 -17.95 -8.32 25.08
C SER A 696 -16.55 -8.10 25.54
N ILE A 697 -16.22 -6.83 25.84
CA ILE A 697 -14.93 -6.41 26.35
C ILE A 697 -15.16 -5.56 27.61
N GLN A 698 -14.48 -5.89 28.69
CA GLN A 698 -14.61 -5.14 29.94
C GLN A 698 -13.25 -4.57 30.16
N LEU A 699 -13.14 -3.25 30.10
CA LEU A 699 -11.81 -2.67 30.18
C LEU A 699 -11.07 -2.78 31.53
N THR A 700 -11.81 -2.64 32.63
CA THR A 700 -11.22 -2.72 33.97
C THR A 700 -12.15 -3.51 34.88
N GLN A 701 -11.66 -3.84 36.07
CA GLN A 701 -12.42 -4.61 37.07
C GLN A 701 -13.90 -4.23 37.26
N ASP A 702 -14.18 -2.94 37.36
CA ASP A 702 -15.54 -2.44 37.61
C ASP A 702 -16.43 -2.13 36.40
N SER A 703 -15.80 -1.68 35.31
CA SER A 703 -16.50 -1.25 34.12
C SER A 703 -17.52 -2.18 33.47
N PRO A 704 -18.39 -1.63 32.62
CA PRO A 704 -19.38 -2.49 31.98
C PRO A 704 -18.74 -3.44 30.98
N HIS A 705 -19.43 -4.54 30.80
CA HIS A 705 -19.02 -5.49 29.76
C HIS A 705 -19.66 -4.88 28.51
N VAL A 706 -18.81 -4.21 27.69
CA VAL A 706 -19.29 -3.52 26.49
C VAL A 706 -19.57 -4.50 25.37
N PRO A 707 -20.77 -4.53 24.80
CA PRO A 707 -21.06 -5.46 23.72
C PRO A 707 -20.17 -5.17 22.51
N VAL A 708 -19.43 -6.20 22.10
CA VAL A 708 -18.51 -6.13 20.91
C VAL A 708 -18.59 -7.57 20.39
N HIS A 709 -19.26 -7.78 19.28
CA HIS A 709 -19.41 -9.15 18.82
CA HIS A 709 -19.53 -9.12 18.81
C HIS A 709 -18.89 -9.38 17.41
N PHE A 710 -18.06 -10.41 17.26
CA PHE A 710 -17.58 -10.79 15.93
C PHE A 710 -18.62 -11.69 15.26
N LYS A 711 -18.81 -11.53 13.97
CA LYS A 711 -19.71 -12.37 13.21
C LYS A 711 -19.15 -12.52 11.83
N PHE A 712 -19.24 -13.67 11.20
CA PHE A 712 -18.84 -13.90 9.83
C PHE A 712 -20.05 -14.04 8.95
N LEU A 713 -20.04 -13.39 7.82
CA LEU A 713 -21.15 -13.40 6.87
C LEU A 713 -20.65 -13.60 5.47
N LYS A 714 -21.53 -13.83 4.51
CA LYS A 714 -21.14 -14.02 3.12
C LYS A 714 -21.99 -13.16 2.19
N TYR A 715 -21.33 -12.57 1.21
CA TYR A 715 -22.00 -11.90 0.13
C TYR A 715 -21.96 -12.85 -1.07
N GLY A 716 -22.99 -12.76 -1.92
CA GLY A 716 -23.07 -13.53 -3.14
C GLY A 716 -22.92 -12.65 -4.37
N VAL A 717 -23.29 -13.16 -5.53
CA VAL A 717 -23.17 -12.48 -6.80
C VAL A 717 -24.56 -12.47 -7.45
N ARG A 718 -24.82 -11.48 -8.27
CA ARG A 718 -26.14 -11.33 -8.94
C ARG A 718 -26.34 -12.39 -9.98
N SER A 719 -27.56 -12.91 -10.04
CA SER A 719 -27.88 -13.96 -11.00
C SER A 719 -28.30 -13.39 -12.35
N HIS A 720 -28.61 -12.11 -12.39
CA HIS A 720 -28.88 -11.42 -13.64
C HIS A 720 -28.17 -10.05 -13.51
N GLY A 721 -27.81 -9.45 -14.62
CA GLY A 721 -27.12 -8.20 -14.52
C GLY A 721 -25.61 -8.42 -14.38
N ASP A 722 -24.94 -7.35 -13.95
CA ASP A 722 -23.48 -7.36 -13.89
C ASP A 722 -22.96 -8.20 -12.75
N ARG A 723 -21.90 -8.93 -13.07
CA ARG A 723 -21.26 -9.82 -12.09
C ARG A 723 -19.99 -9.26 -11.46
N SER A 724 -19.87 -9.52 -10.15
CA SER A 724 -18.64 -9.19 -9.43
C SER A 724 -17.48 -9.94 -10.09
N GLY A 725 -16.30 -9.30 -10.05
CA GLY A 725 -15.08 -9.92 -10.57
C GLY A 725 -13.88 -9.34 -9.79
N ALA A 726 -12.67 -9.46 -10.33
CA ALA A 726 -11.50 -8.94 -9.63
C ALA A 726 -11.57 -7.48 -9.27
N TYR A 727 -12.21 -6.67 -10.14
CA TYR A 727 -12.31 -5.23 -9.89
C TYR A 727 -13.56 -4.81 -9.12
N LEU A 728 -14.70 -5.32 -9.59
CA LEU A 728 -16.02 -4.86 -9.14
C LEU A 728 -16.63 -5.68 -8.03
N PHE A 729 -17.24 -4.99 -7.07
CA PHE A 729 -18.03 -5.64 -6.02
C PHE A 729 -19.51 -5.29 -6.33
N LEU A 730 -20.29 -6.32 -6.71
CA LEU A 730 -21.71 -6.13 -7.11
C LEU A 730 -22.51 -7.17 -6.31
N PRO A 731 -22.64 -6.97 -5.01
CA PRO A 731 -23.35 -7.95 -4.20
C PRO A 731 -24.81 -8.10 -4.54
N ASN A 732 -25.31 -9.29 -4.27
CA ASN A 732 -26.77 -9.56 -4.43
C ASN A 732 -27.44 -9.24 -3.10
N GLY A 733 -27.31 -8.04 -2.60
CA GLY A 733 -27.92 -7.64 -1.36
C GLY A 733 -27.02 -7.75 -0.11
N PRO A 734 -27.50 -7.37 1.06
CA PRO A 734 -26.72 -7.46 2.28
C PRO A 734 -26.27 -8.88 2.52
N ALA A 735 -25.18 -8.99 3.26
CA ALA A 735 -24.61 -10.30 3.56
C ALA A 735 -25.51 -11.16 4.46
N SER A 736 -25.34 -12.47 4.30
CA SER A 736 -26.09 -13.47 5.05
C SER A 736 -25.14 -14.14 6.04
N PRO A 737 -25.57 -14.46 7.27
CA PRO A 737 -24.62 -15.10 8.21
C PRO A 737 -24.11 -16.45 7.74
N VAL A 738 -22.83 -16.73 7.97
CA VAL A 738 -22.28 -18.07 7.68
C VAL A 738 -22.93 -19.00 8.73
N GLU A 739 -23.42 -20.15 8.27
CA GLU A 739 -24.01 -21.14 9.16
C GLU A 739 -22.85 -21.84 9.88
N LEU A 740 -22.82 -21.69 11.19
CA LEU A 740 -21.67 -22.21 11.96
C LEU A 740 -21.70 -23.62 12.46
N GLY A 741 -22.88 -24.24 12.51
CA GLY A 741 -22.96 -25.59 13.06
C GLY A 741 -22.61 -25.53 14.56
N GLN A 742 -21.94 -26.57 15.09
CA GLN A 742 -21.51 -26.53 16.51
C GLN A 742 -19.97 -26.62 16.41
N PRO A 743 -19.32 -25.49 16.16
CA PRO A 743 -17.85 -25.54 16.01
C PRO A 743 -17.01 -25.93 17.22
N VAL A 744 -15.84 -26.48 16.93
CA VAL A 744 -14.89 -26.87 17.98
C VAL A 744 -14.12 -25.63 18.42
N VAL A 745 -14.04 -25.42 19.70
CA VAL A 745 -13.42 -24.23 20.30
C VAL A 745 -12.26 -24.65 21.17
N LEU A 746 -11.08 -24.09 20.99
CA LEU A 746 -9.91 -24.40 21.80
C LEU A 746 -9.52 -23.22 22.64
N VAL A 747 -9.46 -23.34 23.93
CA VAL A 747 -9.08 -22.28 24.83
C VAL A 747 -7.73 -22.59 25.45
N THR A 748 -6.73 -21.72 25.32
CA THR A 748 -5.44 -21.89 25.94
C THR A 748 -5.28 -20.79 26.94
N LYS A 749 -5.00 -21.11 28.20
CA LYS A 749 -4.88 -20.09 29.24
C LYS A 749 -3.51 -20.11 29.82
N GLY A 750 -2.79 -19.00 29.72
CA GLY A 750 -1.44 -18.91 30.26
C GLY A 750 -1.23 -17.61 30.97
N LYS A 751 -0.14 -17.55 31.73
CA LYS A 751 0.17 -16.32 32.45
C LYS A 751 0.57 -15.18 31.53
N LEU A 752 1.28 -15.49 30.46
CA LEU A 752 1.75 -14.44 29.51
C LEU A 752 0.84 -14.28 28.30
N GLU A 753 0.19 -15.35 27.86
CA GLU A 753 -0.63 -15.33 26.66
C GLU A 753 -1.76 -16.33 26.76
N SER A 754 -2.95 -15.91 26.43
CA SER A 754 -4.12 -16.81 26.39
C SER A 754 -4.78 -16.63 25.03
N SER A 755 -5.63 -17.56 24.63
CA SER A 755 -6.33 -17.42 23.37
CA SER A 755 -6.22 -17.49 23.30
C SER A 755 -7.53 -18.29 23.26
N VAL A 756 -8.42 -17.92 22.36
CA VAL A 756 -9.61 -18.70 22.03
C VAL A 756 -9.56 -18.89 20.52
N SER A 757 -9.61 -20.12 20.02
CA SER A 757 -9.56 -20.39 18.57
C SER A 757 -10.73 -21.22 18.20
N VAL A 758 -11.38 -21.00 17.07
CA VAL A 758 -12.56 -21.79 16.68
C VAL A 758 -12.49 -22.09 15.20
N GLY A 759 -12.82 -23.33 14.85
CA GLY A 759 -12.78 -23.78 13.47
C GLY A 759 -14.10 -23.57 12.82
N LEU A 760 -14.28 -22.47 12.11
CA LEU A 760 -15.53 -22.14 11.43
C LEU A 760 -15.42 -22.50 10.00
N PRO A 761 -16.53 -22.60 9.28
CA PRO A 761 -16.41 -22.90 7.86
C PRO A 761 -15.63 -21.73 7.17
N SER A 762 -14.59 -22.13 6.47
CA SER A 762 -13.64 -21.29 5.75
C SER A 762 -12.73 -20.43 6.61
N VAL A 763 -12.83 -20.46 7.94
CA VAL A 763 -11.97 -19.61 8.72
C VAL A 763 -11.63 -20.21 10.05
N VAL A 764 -10.35 -20.34 10.39
CA VAL A 764 -10.01 -20.68 11.77
C VAL A 764 -9.78 -19.26 12.38
N HIS A 765 -10.63 -18.89 13.32
CA HIS A 765 -10.66 -17.51 13.91
C HIS A 765 -10.03 -17.58 15.28
N GLN A 766 -9.07 -16.74 15.60
CA GLN A 766 -8.36 -16.80 16.84
C GLN A 766 -8.29 -15.42 17.48
N THR A 767 -8.57 -15.35 18.77
CA THR A 767 -8.46 -14.13 19.56
C THR A 767 -7.34 -14.37 20.58
N ILE A 768 -6.27 -13.60 20.55
CA ILE A 768 -5.10 -13.77 21.39
C ILE A 768 -4.96 -12.62 22.35
N MET A 769 -4.69 -12.89 23.61
CA MET A 769 -4.61 -11.88 24.68
C MET A 769 -3.25 -11.95 25.32
N ARG A 770 -2.58 -10.82 25.39
CA ARG A 770 -1.30 -10.72 26.01
C ARG A 770 -1.27 -9.62 27.06
N GLY A 771 -2.42 -9.10 27.43
CA GLY A 771 -2.38 -8.08 28.45
C GLY A 771 -2.89 -6.74 28.04
N GLY A 772 -3.00 -6.52 26.72
CA GLY A 772 -3.55 -5.24 26.20
C GLY A 772 -4.65 -5.58 25.21
N ALA A 773 -4.80 -4.72 24.19
CA ALA A 773 -5.79 -4.98 23.15
C ALA A 773 -5.53 -6.34 22.52
N PRO A 774 -6.57 -7.12 22.26
CA PRO A 774 -6.32 -8.45 21.67
C PRO A 774 -5.79 -8.40 20.24
N GLU A 775 -5.15 -9.48 19.84
CA GLU A 775 -4.74 -9.70 18.48
C GLU A 775 -5.72 -10.68 17.89
N ILE A 776 -6.22 -10.46 16.70
CA ILE A 776 -7.09 -11.40 16.00
C ILE A 776 -6.33 -11.99 14.83
N ARG A 777 -6.39 -13.29 14.64
CA ARG A 777 -5.81 -13.94 13.47
C ARG A 777 -6.85 -14.78 12.79
N ASN A 778 -7.04 -14.66 11.49
CA ASN A 778 -7.96 -15.52 10.78
C ASN A 778 -7.17 -16.28 9.74
N LEU A 779 -7.25 -17.60 9.79
CA LEU A 779 -6.67 -18.44 8.71
C LEU A 779 -7.82 -18.70 7.77
N VAL A 780 -7.79 -18.00 6.64
CA VAL A 780 -8.93 -17.99 5.72
C VAL A 780 -8.69 -18.87 4.51
N ASP A 781 -9.54 -19.90 4.36
CA ASP A 781 -9.47 -20.80 3.23
C ASP A 781 -10.85 -20.94 2.64
N ILE A 782 -11.15 -20.12 1.66
CA ILE A 782 -12.48 -20.09 1.04
C ILE A 782 -12.74 -21.32 0.23
N GLY A 783 -11.72 -22.14 0.01
CA GLY A 783 -11.95 -23.47 -0.59
C GLY A 783 -12.59 -23.40 -1.94
N SER A 784 -13.64 -24.18 -2.14
CA SER A 784 -14.26 -24.16 -3.47
C SER A 784 -15.61 -23.45 -3.46
N LEU A 785 -15.80 -22.52 -2.52
CA LEU A 785 -17.04 -21.76 -2.46
C LEU A 785 -17.14 -20.69 -3.54
N ASP A 786 -17.64 -21.06 -4.72
CA ASP A 786 -17.70 -20.11 -5.81
C ASP A 786 -18.74 -19.00 -5.55
N ASN A 787 -18.42 -17.87 -6.13
CA ASN A 787 -19.26 -16.68 -6.05
C ASN A 787 -19.63 -16.32 -4.64
N THR A 788 -18.59 -16.27 -3.80
CA THR A 788 -18.78 -15.95 -2.38
C THR A 788 -17.72 -14.95 -1.91
N GLU A 789 -18.12 -13.99 -1.08
CA GLU A 789 -17.14 -13.09 -0.46
C GLU A 789 -17.38 -13.24 1.02
N ILE A 790 -16.36 -13.57 1.80
CA ILE A 790 -16.50 -13.76 3.24
C ILE A 790 -16.12 -12.47 3.95
N VAL A 791 -16.99 -11.95 4.79
CA VAL A 791 -16.75 -10.74 5.54
C VAL A 791 -16.72 -10.99 7.02
N MET A 792 -15.84 -10.30 7.73
CA MET A 792 -15.81 -10.32 9.19
C MET A 792 -16.43 -9.02 9.68
N ARG A 793 -17.50 -9.09 10.48
CA ARG A 793 -18.18 -7.90 10.99
C ARG A 793 -18.05 -7.85 12.48
N LEU A 794 -17.94 -6.62 12.99
CA LEU A 794 -18.02 -6.29 14.43
C LEU A 794 -19.33 -5.54 14.67
N GLU A 795 -20.11 -6.02 15.61
CA GLU A 795 -21.37 -5.39 15.98
C GLU A 795 -21.24 -4.84 17.37
N THR A 796 -21.47 -3.52 17.51
CA THR A 796 -21.42 -2.86 18.79
C THR A 796 -22.70 -1.98 18.90
N HIS A 797 -22.80 -1.36 20.06
CA HIS A 797 -23.95 -0.43 20.24
C HIS A 797 -23.43 1.00 20.23
N ILE A 798 -22.18 1.26 19.78
CA ILE A 798 -21.63 2.62 19.68
C ILE A 798 -22.52 3.40 18.72
N ASP A 799 -22.91 4.63 19.16
CA ASP A 799 -23.80 5.46 18.36
C ASP A 799 -23.05 6.29 17.32
N SER A 800 -22.50 5.57 16.34
CA SER A 800 -21.71 6.21 15.30
C SER A 800 -22.54 6.82 14.20
N GLY A 801 -23.81 6.41 14.05
CA GLY A 801 -24.64 6.98 13.00
C GLY A 801 -24.18 6.53 11.66
N ASP A 802 -23.86 7.50 10.81
CA ASP A 802 -23.40 7.22 9.47
C ASP A 802 -21.92 7.57 9.30
N ILE A 803 -21.18 7.79 10.38
CA ILE A 803 -19.77 8.19 10.27
C ILE A 803 -18.85 7.04 10.62
N PHE A 804 -17.75 6.92 9.88
CA PHE A 804 -16.69 6.00 10.22
C PHE A 804 -15.38 6.57 9.66
N TYR A 805 -14.27 5.98 10.02
CA TYR A 805 -12.96 6.48 9.57
C TYR A 805 -12.16 5.34 9.01
N THR A 806 -11.46 5.60 7.90
CA THR A 806 -10.58 4.58 7.30
C THR A 806 -9.26 5.27 6.98
N ASP A 807 -8.18 4.52 6.89
CA ASP A 807 -6.94 5.18 6.55
C ASP A 807 -6.67 5.21 5.07
N LEU A 808 -5.75 6.10 4.70
CA LEU A 808 -5.23 6.22 3.33
C LEU A 808 -3.74 5.90 3.37
N ASN A 809 -3.39 4.76 2.77
CA ASN A 809 -2.00 4.32 2.60
C ASN A 809 -1.23 4.24 3.85
N GLY A 810 -1.89 3.99 5.00
CA GLY A 810 -1.12 3.90 6.25
C GLY A 810 -0.60 5.23 6.73
N LEU A 811 -1.03 6.32 6.12
CA LEU A 811 -0.48 7.65 6.43
C LEU A 811 -1.44 8.56 7.23
N GLN A 812 -2.74 8.46 7.01
CA GLN A 812 -3.70 9.40 7.59
C GLN A 812 -5.04 8.74 7.64
N PHE A 813 -5.89 9.18 8.56
CA PHE A 813 -7.27 8.69 8.68
C PHE A 813 -8.21 9.73 8.16
N ILE A 814 -9.11 9.31 7.30
CA ILE A 814 -10.06 10.24 6.69
C ILE A 814 -11.47 9.88 7.14
N LYS A 815 -12.28 10.89 7.40
CA LYS A 815 -13.67 10.69 7.75
C LYS A 815 -14.49 10.24 6.54
N ARG A 816 -15.29 9.19 6.73
CA ARG A 816 -16.21 8.69 5.77
C ARG A 816 -17.65 8.89 6.26
N ARG A 817 -18.54 9.07 5.31
CA ARG A 817 -19.97 9.11 5.68
C ARG A 817 -20.67 8.11 4.79
N ARG A 818 -21.36 7.14 5.44
CA ARG A 818 -22.16 6.17 4.72
C ARG A 818 -23.31 6.91 4.04
N LEU A 819 -23.54 6.68 2.77
CA LEU A 819 -24.59 7.39 2.00
C LEU A 819 -25.58 6.37 1.49
N ASP A 820 -26.79 6.44 2.02
CA ASP A 820 -27.80 5.49 1.60
C ASP A 820 -28.33 5.82 0.19
N LYS A 821 -27.97 6.98 -0.37
CA LYS A 821 -28.34 7.28 -1.76
C LYS A 821 -27.41 6.53 -2.75
N LEU A 822 -26.33 5.90 -2.23
CA LEU A 822 -25.42 5.10 -3.08
C LEU A 822 -25.60 3.63 -2.70
N PRO A 823 -25.30 2.73 -3.63
CA PRO A 823 -25.45 1.30 -3.33
C PRO A 823 -24.40 0.81 -2.32
N LEU A 824 -24.63 -0.37 -1.74
CA LEU A 824 -23.78 -0.93 -0.75
C LEU A 824 -22.26 -0.88 -1.14
N GLN A 825 -21.97 -1.30 -2.35
CA GLN A 825 -20.55 -1.40 -2.79
C GLN A 825 -19.88 -0.05 -2.88
N ALA A 826 -20.64 1.06 -3.01
CA ALA A 826 -20.05 2.40 -3.05
C ALA A 826 -19.62 2.81 -1.67
N ASN A 827 -20.18 2.19 -0.62
CA ASN A 827 -19.86 2.53 0.76
C ASN A 827 -18.67 1.73 1.31
N TYR A 828 -18.12 0.88 0.46
CA TYR A 828 -16.88 0.16 0.78
C TYR A 828 -15.70 1.03 0.39
N TYR A 829 -14.68 1.05 1.26
CA TYR A 829 -13.45 1.85 1.06
C TYR A 829 -12.26 0.97 1.35
N PRO A 830 -11.07 1.43 0.89
CA PRO A 830 -9.90 0.64 1.19
C PRO A 830 -9.62 0.72 2.70
N ILE A 831 -9.14 -0.37 3.29
CA ILE A 831 -8.71 -0.39 4.71
C ILE A 831 -7.25 -0.82 4.64
N PRO A 832 -6.36 0.11 4.23
CA PRO A 832 -4.95 -0.29 4.10
C PRO A 832 -4.31 -0.58 5.40
N SER A 833 -4.71 0.00 6.51
CA SER A 833 -4.09 -0.32 7.79
C SER A 833 -5.04 -0.20 9.00
N GLY A 834 -6.19 0.46 8.84
CA GLY A 834 -7.10 0.49 9.98
C GLY A 834 -8.36 1.28 9.72
N MET A 835 -9.30 1.09 10.64
CA MET A 835 -10.59 1.75 10.55
C MET A 835 -11.15 1.88 11.96
N PHE A 836 -12.04 2.88 12.14
CA PHE A 836 -12.68 3.01 13.47
C PHE A 836 -14.02 3.67 13.37
N ILE A 837 -14.83 3.42 14.42
CA ILE A 837 -16.12 4.11 14.68
C ILE A 837 -16.07 4.64 16.09
N GLU A 838 -16.81 5.74 16.29
CA GLU A 838 -16.86 6.31 17.63
C GLU A 838 -18.12 7.13 17.83
N ASP A 839 -18.41 7.31 19.13
CA ASP A 839 -19.46 8.29 19.51
C ASP A 839 -18.79 9.23 20.51
N ALA A 840 -19.61 9.96 21.30
CA ALA A 840 -18.99 10.88 22.23
C ALA A 840 -18.10 10.24 23.26
N ASN A 841 -18.38 8.98 23.61
CA ASN A 841 -17.66 8.35 24.69
C ASN A 841 -16.74 7.17 24.43
N THR A 842 -17.06 6.47 23.35
CA THR A 842 -16.41 5.18 23.04
C THR A 842 -15.98 5.12 21.59
N ARG A 843 -14.83 4.48 21.42
CA ARG A 843 -14.30 4.21 20.06
C ARG A 843 -13.88 2.73 19.97
N LEU A 844 -14.12 2.17 18.80
CA LEU A 844 -13.61 0.81 18.49
C LEU A 844 -12.74 0.98 17.21
N THR A 845 -11.47 0.60 17.34
CA THR A 845 -10.52 0.68 16.20
C THR A 845 -10.07 -0.75 15.86
N LEU A 846 -10.09 -1.07 14.58
CA LEU A 846 -9.56 -2.35 14.09
C LEU A 846 -8.34 -2.00 13.23
N LEU A 847 -7.17 -2.44 13.68
CA LEU A 847 -5.91 -2.25 12.89
C LEU A 847 -5.65 -3.52 12.11
N THR A 848 -5.09 -3.37 10.89
CA THR A 848 -4.88 -4.54 10.02
C THR A 848 -3.41 -4.72 9.60
N GLY A 849 -3.01 -5.95 9.42
CA GLY A 849 -1.69 -6.27 8.92
C GLY A 849 -1.67 -6.48 7.41
N GLN A 850 -2.74 -6.14 6.72
CA GLN A 850 -2.87 -6.30 5.28
C GLN A 850 -3.99 -5.41 4.79
N PRO A 851 -3.91 -4.89 3.56
CA PRO A 851 -5.00 -4.06 3.04
C PRO A 851 -6.14 -4.93 2.59
N LEU A 852 -7.36 -4.54 2.97
CA LEU A 852 -8.61 -5.25 2.61
C LEU A 852 -9.73 -4.23 2.46
N GLY A 853 -10.85 -4.57 1.92
CA GLY A 853 -11.96 -3.63 1.77
C GLY A 853 -12.87 -3.65 2.95
N GLY A 854 -13.50 -2.55 3.27
CA GLY A 854 -14.41 -2.57 4.42
C GLY A 854 -15.31 -1.38 4.47
N SER A 855 -16.16 -1.38 5.51
CA SER A 855 -17.16 -0.31 5.62
C SER A 855 -17.76 -0.35 7.01
N SER A 856 -18.71 0.59 7.20
CA SER A 856 -19.62 0.58 8.38
C SER A 856 -21.01 0.75 7.77
N LEU A 857 -21.75 -0.34 7.58
CA LEU A 857 -23.03 -0.29 6.89
C LEU A 857 -24.22 0.05 7.77
N ALA A 858 -23.96 0.17 9.03
CA ALA A 858 -25.00 0.56 9.99
C ALA A 858 -24.32 1.08 11.21
N SER A 859 -25.00 2.00 11.95
CA SER A 859 -24.47 2.53 13.14
C SER A 859 -23.98 1.42 14.06
N GLY A 860 -22.83 1.60 14.66
CA GLY A 860 -22.25 0.64 15.55
C GLY A 860 -21.49 -0.51 14.92
N GLU A 861 -21.46 -0.60 13.59
CA GLU A 861 -20.76 -1.72 12.95
C GLU A 861 -19.47 -1.37 12.25
N LEU A 862 -18.58 -2.34 12.16
CA LEU A 862 -17.39 -2.22 11.29
C LEU A 862 -17.40 -3.57 10.53
N GLU A 863 -16.93 -3.60 9.30
CA GLU A 863 -16.77 -4.90 8.65
C GLU A 863 -15.62 -4.80 7.66
N ILE A 864 -14.97 -5.94 7.46
CA ILE A 864 -13.78 -6.01 6.57
C ILE A 864 -13.80 -7.34 5.85
N MET A 865 -13.67 -7.28 4.53
CA MET A 865 -13.69 -8.48 3.72
C MET A 865 -12.41 -9.31 3.91
N GLN A 866 -12.58 -10.65 3.94
CA GLN A 866 -11.46 -11.55 4.16
C GLN A 866 -10.94 -12.16 2.86
N ASP A 867 -11.86 -12.65 2.01
CA ASP A 867 -11.48 -13.18 0.70
C ASP A 867 -12.70 -13.22 -0.18
N ARG A 868 -12.49 -13.42 -1.46
CA ARG A 868 -13.59 -13.45 -2.40
C ARG A 868 -13.16 -14.39 -3.53
N ARG A 869 -14.14 -15.22 -3.96
CA ARG A 869 -13.91 -16.24 -5.02
C ARG A 869 -15.04 -16.05 -5.99
N LEU A 870 -14.70 -15.71 -7.21
CA LEU A 870 -15.69 -15.26 -8.24
C LEU A 870 -15.46 -15.99 -9.54
N ALA A 871 -16.54 -16.59 -10.03
CA ALA A 871 -16.41 -17.38 -11.25
C ALA A 871 -16.40 -16.57 -12.54
N SER A 872 -16.95 -15.38 -12.51
CA SER A 872 -17.07 -14.58 -13.74
C SER A 872 -16.08 -13.45 -13.88
N ASP A 873 -15.80 -13.11 -15.14
CA ASP A 873 -15.02 -11.95 -15.52
C ASP A 873 -15.98 -10.73 -15.38
N ASP A 874 -15.45 -9.58 -15.00
CA ASP A 874 -16.24 -8.36 -14.81
C ASP A 874 -16.02 -7.32 -15.89
N GLU A 875 -15.64 -7.76 -17.09
CA GLU A 875 -15.66 -6.86 -18.24
C GLU A 875 -14.76 -5.69 -18.26
N ARG A 876 -13.63 -5.81 -17.56
CA ARG A 876 -12.63 -4.72 -17.55
C ARG A 876 -11.32 -5.16 -18.23
N GLY A 877 -11.37 -6.28 -18.95
CA GLY A 877 -10.20 -6.74 -19.71
C GLY A 877 -9.37 -7.86 -19.14
N LEU A 878 -9.63 -8.28 -17.89
CA LEU A 878 -8.82 -9.34 -17.32
C LEU A 878 -9.09 -10.70 -17.97
N GLY A 879 -10.33 -10.95 -18.35
CA GLY A 879 -10.68 -12.19 -19.04
C GLY A 879 -10.70 -13.43 -18.17
N GLN A 880 -10.88 -13.26 -16.88
CA GLN A 880 -11.03 -14.43 -16.01
C GLN A 880 -11.67 -13.98 -14.70
N GLY A 881 -12.17 -14.94 -13.92
CA GLY A 881 -12.66 -14.65 -12.57
C GLY A 881 -11.49 -14.73 -11.60
N VAL A 882 -11.85 -14.93 -10.34
CA VAL A 882 -10.84 -15.06 -9.28
C VAL A 882 -11.14 -16.42 -8.65
N LEU A 883 -10.37 -17.41 -9.10
CA LEU A 883 -10.57 -18.82 -8.66
C LEU A 883 -9.28 -19.44 -8.17
N ASP A 884 -8.29 -18.64 -7.92
CA ASP A 884 -6.96 -19.07 -7.48
C ASP A 884 -6.67 -18.77 -6.03
N ASN A 885 -7.70 -18.73 -5.23
CA ASN A 885 -7.55 -18.51 -3.80
C ASN A 885 -6.66 -19.52 -3.14
N LYS A 886 -5.97 -19.08 -2.09
CA LYS A 886 -5.15 -19.98 -1.30
C LYS A 886 -5.22 -19.55 0.15
N PRO A 887 -4.95 -20.43 1.10
CA PRO A 887 -5.03 -20.04 2.51
C PRO A 887 -4.17 -18.87 2.85
N VAL A 888 -4.72 -17.94 3.62
CA VAL A 888 -3.98 -16.76 4.02
C VAL A 888 -4.24 -16.51 5.50
N LEU A 889 -3.22 -16.07 6.23
CA LEU A 889 -3.40 -15.71 7.63
C LEU A 889 -3.48 -14.17 7.79
N HIS A 890 -4.68 -13.67 7.96
CA HIS A 890 -4.91 -12.23 8.20
C HIS A 890 -4.69 -11.92 9.67
N ILE A 891 -4.11 -10.77 9.96
CA ILE A 891 -3.84 -10.39 11.36
C ILE A 891 -4.40 -9.01 11.65
N TYR A 892 -4.81 -8.81 12.88
CA TYR A 892 -5.43 -7.57 13.35
C TYR A 892 -5.18 -7.32 14.78
N ARG A 893 -5.42 -6.07 15.18
CA ARG A 893 -5.51 -5.75 16.63
C ARG A 893 -6.86 -5.03 16.79
N LEU A 894 -7.52 -5.29 17.93
CA LEU A 894 -8.88 -4.71 18.20
C LEU A 894 -8.80 -3.88 19.46
N VAL A 895 -8.95 -2.54 19.33
CA VAL A 895 -8.79 -1.64 20.44
C VAL A 895 -10.07 -0.93 20.76
N LEU A 896 -10.64 -1.24 21.93
CA LEU A 896 -11.86 -0.57 22.44
C LEU A 896 -11.33 0.43 23.46
N GLU A 897 -11.75 1.70 23.33
CA GLU A 897 -11.27 2.73 24.26
C GLU A 897 -12.31 3.76 24.60
N LYS A 898 -12.13 4.37 25.76
CA LYS A 898 -12.95 5.52 26.16
C LYS A 898 -12.29 6.74 25.53
N VAL A 899 -13.09 7.56 24.86
CA VAL A 899 -12.55 8.74 24.21
C VAL A 899 -13.22 10.06 24.65
N ASN A 900 -14.02 10.02 25.71
CA ASN A 900 -14.70 11.22 26.18
C ASN A 900 -13.71 12.30 26.64
N ASN A 901 -12.51 11.95 27.04
CA ASN A 901 -11.54 12.94 27.45
C ASN A 901 -10.57 13.34 26.35
N CYS A 902 -10.66 12.76 25.17
CA CYS A 902 -9.72 13.08 24.09
C CYS A 902 -10.01 14.40 23.39
N VAL A 903 -8.98 15.14 23.09
CA VAL A 903 -9.19 16.38 22.32
C VAL A 903 -9.29 15.96 20.82
N ARG A 904 -10.47 15.96 20.28
CA ARG A 904 -10.72 15.52 18.92
C ARG A 904 -11.05 16.68 18.01
N PRO A 905 -10.93 16.50 16.70
CA PRO A 905 -11.28 17.58 15.78
C PRO A 905 -12.76 17.90 15.92
N SER A 906 -13.13 19.09 15.45
CA SER A 906 -14.53 19.48 15.47
C SER A 906 -15.33 18.66 14.48
N LYS A 907 -16.64 18.74 14.57
CA LYS A 907 -17.55 18.00 13.71
C LYS A 907 -17.36 18.27 12.22
N LEU A 908 -16.83 19.42 11.87
CA LEU A 908 -16.66 19.70 10.45
C LEU A 908 -15.28 19.35 9.90
N HIS A 909 -14.37 18.91 10.76
CA HIS A 909 -13.00 18.57 10.29
C HIS A 909 -13.08 17.23 9.49
N PRO A 910 -12.39 17.14 8.34
CA PRO A 910 -12.45 15.90 7.55
C PRO A 910 -11.51 14.79 8.00
N ALA A 911 -10.64 15.01 8.97
CA ALA A 911 -9.70 13.95 9.42
C ALA A 911 -10.06 13.39 10.77
N GLY A 912 -9.48 12.22 11.07
CA GLY A 912 -9.47 11.65 12.40
C GLY A 912 -8.06 11.21 12.76
N TYR A 913 -7.82 10.91 14.03
CA TYR A 913 -6.47 10.57 14.50
C TYR A 913 -6.57 9.44 15.49
N LEU A 914 -5.57 8.60 15.48
CA LEU A 914 -5.50 7.48 16.42
C LEU A 914 -5.04 7.94 17.78
N THR A 915 -5.35 7.09 18.76
CA THR A 915 -4.80 7.20 20.11
C THR A 915 -3.42 6.54 20.14
N SER A 916 -2.63 6.75 21.17
CA SER A 916 -1.38 6.09 21.35
C SER A 916 -1.51 4.58 21.33
N ALA A 917 -2.51 4.03 21.99
CA ALA A 917 -2.59 2.57 22.02
C ALA A 917 -2.88 2.02 20.64
N ALA A 918 -3.75 2.69 19.87
CA ALA A 918 -4.07 2.19 18.51
C ALA A 918 -2.89 2.31 17.60
N HIS A 919 -2.12 3.39 17.70
CA HIS A 919 -0.95 3.52 16.84
C HIS A 919 0.07 2.43 17.20
N LYS A 920 0.35 2.22 18.48
CA LYS A 920 1.30 1.16 18.88
C LYS A 920 0.78 -0.18 18.38
N ALA A 921 -0.52 -0.44 18.44
CA ALA A 921 -1.06 -1.72 17.95
C ALA A 921 -0.83 -1.84 16.45
N SER A 922 -1.00 -0.75 15.70
CA SER A 922 -0.73 -0.85 14.26
C SER A 922 0.77 -1.16 14.04
N GLN A 923 1.66 -0.51 14.76
CA GLN A 923 3.09 -0.80 14.62
C GLN A 923 3.41 -2.25 14.97
N SER A 924 2.68 -2.83 15.92
CA SER A 924 2.94 -4.23 16.31
C SER A 924 2.61 -5.19 15.16
N LEU A 925 1.69 -4.78 14.29
CA LEU A 925 1.32 -5.58 13.14
C LEU A 925 2.26 -5.37 11.96
N LEU A 926 2.59 -4.12 11.68
CA LEU A 926 3.37 -3.79 10.47
C LEU A 926 4.85 -3.91 10.66
N ASP A 927 5.35 -3.60 11.85
CA ASP A 927 6.80 -3.65 12.08
C ASP A 927 7.10 -4.31 13.39
N PRO A 928 6.80 -5.63 13.47
CA PRO A 928 7.06 -6.40 14.69
C PRO A 928 8.56 -6.55 14.92
N LEU A 929 8.96 -7.05 16.08
CA LEU A 929 10.33 -7.46 16.25
C LEU A 929 10.69 -8.56 15.27
N ASP A 930 11.89 -8.52 14.72
CA ASP A 930 12.41 -9.66 13.90
C ASP A 930 13.11 -10.64 14.82
N LYS A 931 13.04 -11.90 14.48
CA LYS A 931 13.62 -12.96 15.31
C LYS A 931 14.61 -13.78 14.53
N PHE A 932 15.79 -14.00 15.10
CA PHE A 932 16.84 -14.74 14.44
C PHE A 932 17.29 -15.89 15.33
N ILE A 933 17.51 -17.05 14.73
CA ILE A 933 17.95 -18.24 15.48
C ILE A 933 19.38 -18.56 15.02
N PHE A 934 20.37 -18.60 15.93
CA PHE A 934 21.74 -18.90 15.50
C PHE A 934 21.79 -20.33 14.91
N ALA A 935 22.38 -20.46 13.72
CA ALA A 935 22.29 -21.74 13.03
C ALA A 935 23.27 -22.81 13.49
N GLU A 936 24.46 -22.43 13.88
CA GLU A 936 25.48 -23.41 14.28
C GLU A 936 25.38 -23.74 15.78
N ASN A 937 26.23 -24.63 16.27
CA ASN A 937 26.12 -24.98 17.68
C ASN A 937 26.64 -23.96 18.66
N GLU A 938 27.71 -23.25 18.29
CA GLU A 938 28.35 -22.29 19.15
C GLU A 938 28.66 -20.99 18.41
N TRP A 939 28.26 -19.88 19.04
CA TRP A 939 28.53 -18.54 18.45
C TRP A 939 29.69 -17.93 19.22
N ILE A 940 30.89 -18.03 18.66
CA ILE A 940 32.04 -17.46 19.38
C ILE A 940 32.09 -15.91 19.27
N GLY A 941 32.31 -15.25 20.39
CA GLY A 941 32.37 -13.78 20.37
C GLY A 941 31.02 -13.07 20.44
N ALA A 942 29.94 -13.78 20.82
CA ALA A 942 28.60 -13.20 20.87
C ALA A 942 28.48 -12.08 21.88
N GLN A 943 27.74 -11.03 21.55
CA GLN A 943 27.47 -9.91 22.42
C GLN A 943 25.98 -9.85 22.73
N GLY A 944 25.63 -9.20 23.81
CA GLY A 944 24.30 -9.24 24.26
C GLY A 944 23.34 -8.23 23.74
N GLN A 945 23.87 -7.15 23.19
CA GLN A 945 22.98 -6.05 22.77
C GLN A 945 23.69 -5.13 21.81
N PHE A 946 22.88 -4.50 20.94
CA PHE A 946 23.38 -3.44 20.03
C PHE A 946 22.36 -2.33 20.09
N GLY A 947 22.81 -1.07 20.17
CA GLY A 947 21.90 0.05 20.14
C GLY A 947 21.44 0.56 21.48
N GLY A 948 22.02 0.08 22.60
CA GLY A 948 21.60 0.56 23.89
C GLY A 948 21.79 2.05 24.09
N ASP A 949 22.69 2.66 23.33
CA ASP A 949 22.91 4.09 23.41
C ASP A 949 22.15 4.91 22.35
N HIS A 950 21.28 4.24 21.57
CA HIS A 950 20.47 4.96 20.54
C HIS A 950 19.35 5.72 21.26
N PRO A 951 19.05 6.98 20.87
CA PRO A 951 17.99 7.74 21.52
C PRO A 951 16.65 7.03 21.40
N SER A 952 15.83 7.13 22.42
CA SER A 952 14.53 6.53 22.38
C SER A 952 13.58 7.70 22.14
N ALA A 953 13.06 7.81 20.91
CA ALA A 953 12.32 8.97 20.50
C ALA A 953 10.87 8.95 20.90
N ARG A 954 10.24 10.12 20.93
CA ARG A 954 8.84 10.18 21.25
C ARG A 954 8.05 9.18 20.39
N GLU A 955 6.95 8.69 20.96
CA GLU A 955 6.21 7.58 20.35
C GLU A 955 5.62 7.88 19.00
N ASP A 956 5.33 9.15 18.72
CA ASP A 956 4.73 9.51 17.42
C ASP A 956 5.75 9.64 16.31
N LEU A 957 7.04 9.50 16.61
CA LEU A 957 8.07 9.65 15.58
C LEU A 957 8.58 8.30 15.10
N ASP A 958 8.79 8.16 13.79
CA ASP A 958 9.38 6.96 13.25
C ASP A 958 10.49 7.29 12.29
N VAL A 959 11.50 6.41 12.23
CA VAL A 959 12.54 6.45 11.19
C VAL A 959 12.03 5.45 10.17
N SER A 960 11.24 5.95 9.24
CA SER A 960 10.59 5.12 8.23
C SER A 960 11.58 4.41 7.33
N VAL A 961 12.67 5.11 7.01
CA VAL A 961 13.72 4.60 6.16
C VAL A 961 15.08 4.97 6.73
N MET A 962 15.99 4.00 6.78
CA MET A 962 17.42 4.29 7.03
C MET A 962 18.10 3.53 5.90
N ARG A 963 18.85 4.22 5.05
CA ARG A 963 19.49 3.60 3.91
C ARG A 963 20.87 4.17 3.63
N ARG A 964 21.90 3.34 3.61
CA ARG A 964 23.22 3.90 3.21
C ARG A 964 23.13 4.10 1.69
N LEU A 965 23.60 5.27 1.25
CA LEU A 965 23.45 5.71 -0.14
C LEU A 965 24.72 5.55 -0.96
N THR A 966 25.82 5.20 -0.27
CA THR A 966 27.14 5.04 -0.92
C THR A 966 27.70 3.66 -0.78
N LYS A 967 28.43 3.21 -1.78
CA LYS A 967 29.16 1.92 -1.72
C LYS A 967 30.49 2.20 -0.97
N SER A 968 31.20 1.11 -0.66
CA SER A 968 32.38 1.25 0.21
C SER A 968 33.53 2.00 -0.37
N SER A 969 33.57 2.14 -1.69
CA SER A 969 34.69 2.88 -2.30
C SER A 969 34.57 4.39 -2.22
N ALA A 970 33.44 4.94 -1.78
CA ALA A 970 33.26 6.36 -1.61
C ALA A 970 33.98 6.91 -0.39
N LYS A 971 34.90 7.89 -0.61
CA LYS A 971 35.61 8.47 0.51
C LYS A 971 34.65 9.10 1.54
N THR A 972 33.61 9.77 1.04
CA THR A 972 32.62 10.37 1.93
C THR A 972 31.35 9.47 1.87
N GLN A 973 31.11 8.80 2.97
CA GLN A 973 29.91 7.93 3.05
C GLN A 973 28.68 8.82 3.31
N ARG A 974 27.54 8.36 2.79
CA ARG A 974 26.29 9.09 2.99
C ARG A 974 25.19 8.14 3.40
N VAL A 975 24.43 8.55 4.40
CA VAL A 975 23.30 7.73 4.89
C VAL A 975 22.08 8.59 4.88
N GLY A 976 21.01 8.03 4.29
CA GLY A 976 19.72 8.71 4.18
C GLY A 976 18.72 8.23 5.21
N TYR A 977 17.93 9.14 5.73
CA TYR A 977 16.87 8.84 6.69
C TYR A 977 15.58 9.53 6.25
N VAL A 978 14.46 8.81 6.34
CA VAL A 978 13.14 9.43 6.18
C VAL A 978 12.51 9.40 7.57
N LEU A 979 12.14 10.57 8.09
CA LEU A 979 11.56 10.68 9.42
C LEU A 979 10.11 11.10 9.24
N HIS A 980 9.21 10.36 9.85
CA HIS A 980 7.78 10.67 9.81
C HIS A 980 7.18 10.84 11.21
N ARG A 981 6.47 11.93 11.46
CA ARG A 981 5.75 12.05 12.73
C ARG A 981 4.28 11.98 12.47
N THR A 982 3.59 11.04 13.11
CA THR A 982 2.14 11.01 12.98
C THR A 982 1.55 12.01 14.00
N ASN A 983 0.25 11.99 14.16
CA ASN A 983 -0.39 12.86 15.17
C ASN A 983 -1.36 11.96 15.97
N LEU A 984 -1.08 11.93 17.26
CA LEU A 984 -1.88 11.11 18.20
C LEU A 984 -2.74 11.98 19.07
N MET A 985 -3.91 11.50 19.40
CA MET A 985 -4.77 12.35 20.25
C MET A 985 -4.27 12.55 21.63
N GLN A 986 -4.57 13.72 22.15
CA GLN A 986 -4.25 14.06 23.55
C GLN A 986 -5.46 13.60 24.35
N CYS A 987 -5.28 12.62 25.25
CA CYS A 987 -6.41 12.13 26.05
C CYS A 987 -6.16 12.15 27.55
N GLY A 988 -5.17 12.92 28.01
CA GLY A 988 -4.96 12.98 29.45
C GLY A 988 -3.82 12.17 30.03
N THR A 989 -3.06 11.49 29.20
CA THR A 989 -1.93 10.73 29.74
C THR A 989 -0.71 11.62 29.76
N PRO A 990 -0.12 11.84 30.95
CA PRO A 990 1.06 12.70 31.01
C PRO A 990 2.08 12.24 29.98
N GLU A 991 2.82 13.20 29.42
CA GLU A 991 3.82 12.92 28.39
C GLU A 991 4.98 12.01 28.79
N GLU A 992 5.84 12.53 29.65
CA GLU A 992 7.04 11.87 30.14
C GLU A 992 8.20 11.66 29.13
N HIS A 993 9.35 11.34 29.71
CA HIS A 993 10.63 11.05 29.04
C HIS A 993 10.99 11.56 27.64
N THR A 994 11.53 10.58 26.94
CA THR A 994 12.05 10.62 25.60
C THR A 994 13.15 11.61 25.28
N GLN A 995 14.03 11.12 24.45
CA GLN A 995 15.16 11.91 24.05
C GLN A 995 14.95 12.40 22.64
N LYS A 996 15.57 13.53 22.36
CA LYS A 996 15.55 14.08 21.03
C LYS A 996 16.33 13.13 20.11
N LEU A 997 15.73 12.88 18.94
CA LEU A 997 16.41 12.04 17.97
C LEU A 997 16.99 12.92 16.87
N ASP A 998 18.31 12.87 16.74
CA ASP A 998 19.03 13.58 15.67
C ASP A 998 19.65 12.49 14.80
N VAL A 999 18.98 12.18 13.69
CA VAL A 999 19.49 11.08 12.88
C VAL A 999 20.88 11.35 12.31
N CYS A 1000 21.25 12.62 12.19
CA CYS A 1000 22.57 12.88 11.64
C CYS A 1000 23.73 12.49 12.53
N HIS A 1001 23.46 12.26 13.82
CA HIS A 1001 24.51 11.82 14.71
C HIS A 1001 24.38 10.35 15.09
N LEU A 1002 23.52 9.56 14.42
CA LEU A 1002 23.45 8.14 14.72
C LEU A 1002 24.73 7.40 14.31
N LEU A 1003 25.42 7.87 13.29
CA LEU A 1003 26.69 7.27 12.87
C LEU A 1003 27.80 8.25 13.25
N PRO A 1004 28.98 7.74 13.57
CA PRO A 1004 30.08 8.63 13.96
C PRO A 1004 30.73 9.37 12.82
N ASN A 1005 31.55 10.34 13.23
CA ASN A 1005 32.33 11.16 12.31
C ASN A 1005 31.52 11.90 11.28
N VAL A 1006 30.43 12.50 11.73
CA VAL A 1006 29.58 13.25 10.80
C VAL A 1006 30.29 14.55 10.36
N ALA A 1007 30.26 14.81 9.06
CA ALA A 1007 30.92 15.98 8.47
C ALA A 1007 29.92 16.94 7.89
N ARG A 1008 28.70 16.47 7.63
CA ARG A 1008 27.68 17.33 7.07
C ARG A 1008 26.32 16.67 7.28
N CYS A 1009 25.31 17.49 7.44
CA CYS A 1009 23.90 16.99 7.53
C CYS A 1009 23.07 17.89 6.61
N GLU A 1010 22.29 17.29 5.71
CA GLU A 1010 21.47 18.06 4.77
C GLU A 1010 20.03 17.57 4.79
N ARG A 1011 19.10 18.49 4.70
CA ARG A 1011 17.70 18.08 4.51
C ARG A 1011 17.57 17.91 2.99
N THR A 1012 16.88 16.86 2.54
CA THR A 1012 16.74 16.58 1.11
C THR A 1012 15.27 16.31 0.78
N THR A 1013 15.00 16.26 -0.52
CA THR A 1013 13.72 15.70 -0.96
C THR A 1013 13.60 14.26 -0.45
N LEU A 1014 12.38 13.70 -0.45
CA LEU A 1014 12.18 12.35 0.15
C LEU A 1014 12.84 11.21 -0.57
N THR A 1015 13.21 11.46 -1.84
CA THR A 1015 13.92 10.50 -2.66
C THR A 1015 15.45 10.61 -2.47
N PHE A 1016 15.90 11.55 -1.64
CA PHE A 1016 17.34 11.85 -1.37
C PHE A 1016 18.03 12.48 -2.56
N LEU A 1017 17.31 12.88 -3.61
CA LEU A 1017 17.97 13.33 -4.84
C LEU A 1017 18.30 14.77 -4.91
N GLN A 1018 17.79 15.63 -4.05
CA GLN A 1018 18.14 17.05 -4.10
C GLN A 1018 18.33 17.55 -2.70
N ASN A 1019 19.43 18.31 -2.48
CA ASN A 1019 19.70 18.92 -1.17
C ASN A 1019 18.91 20.18 -1.08
N LEU A 1020 18.14 20.36 0.00
CA LEU A 1020 17.28 21.50 0.19
C LEU A 1020 17.81 22.44 1.26
N GLU A 1021 18.56 21.95 2.23
CA GLU A 1021 19.06 22.82 3.31
C GLU A 1021 20.31 22.24 3.96
N HIS A 1022 21.31 23.06 4.23
CA HIS A 1022 22.55 22.64 4.86
C HIS A 1022 22.24 22.96 6.33
N LEU A 1023 22.38 21.98 7.22
CA LEU A 1023 21.96 22.12 8.59
C LEU A 1023 23.03 22.49 9.58
N ASP A 1024 22.75 23.54 10.33
CA ASP A 1024 23.67 24.04 11.35
C ASP A 1024 23.97 22.98 12.36
N GLY A 1025 25.25 22.91 12.71
CA GLY A 1025 25.72 21.99 13.73
C GLY A 1025 25.58 20.53 13.36
N MET A 1026 25.28 20.26 12.08
CA MET A 1026 25.09 18.90 11.59
C MET A 1026 23.94 18.24 12.34
N VAL A 1027 22.94 19.00 12.75
CA VAL A 1027 21.82 18.46 13.50
C VAL A 1027 20.58 18.43 12.67
N ALA A 1028 19.93 17.28 12.64
CA ALA A 1028 18.69 17.10 11.87
C ALA A 1028 17.56 17.30 12.80
N PRO A 1029 16.80 18.35 12.61
CA PRO A 1029 15.67 18.57 13.52
C PRO A 1029 14.55 17.55 13.35
N GLU A 1030 13.81 17.31 14.41
CA GLU A 1030 12.66 16.44 14.26
C GLU A 1030 11.58 17.22 13.49
N VAL A 1031 10.61 16.49 13.00
CA VAL A 1031 9.57 17.05 12.19
C VAL A 1031 8.28 17.27 12.97
N CYS A 1032 7.39 18.07 12.42
CA CYS A 1032 6.08 18.37 13.03
C CYS A 1032 5.06 17.26 12.80
N PRO A 1033 3.98 17.23 13.60
CA PRO A 1033 2.92 16.22 13.40
C PRO A 1033 2.41 16.26 11.96
N MET A 1034 2.27 15.05 11.42
CA MET A 1034 1.80 14.77 10.07
C MET A 1034 2.81 15.15 9.01
N GLU A 1035 4.02 15.52 9.38
CA GLU A 1035 5.04 15.87 8.40
C GLU A 1035 6.03 14.71 8.25
N THR A 1036 6.68 14.70 7.08
CA THR A 1036 7.70 13.74 6.76
C THR A 1036 8.86 14.52 6.16
N ALA A 1037 10.09 14.28 6.61
CA ALA A 1037 11.30 14.92 6.09
C ALA A 1037 12.35 13.90 5.83
N ALA A 1038 13.31 14.24 5.00
CA ALA A 1038 14.43 13.39 4.71
C ALA A 1038 15.72 14.12 5.01
N TYR A 1039 16.68 13.35 5.50
CA TYR A 1039 17.99 13.93 5.85
C TYR A 1039 19.05 13.00 5.36
N VAL A 1040 20.19 13.55 4.94
CA VAL A 1040 21.35 12.75 4.55
C VAL A 1040 22.53 13.20 5.39
N SER A 1041 23.16 12.28 6.12
CA SER A 1041 24.38 12.60 6.86
C SER A 1041 25.57 12.13 6.06
N SER A 1042 26.66 12.92 6.06
CA SER A 1042 27.90 12.59 5.34
C SER A 1042 28.97 12.34 6.39
N HIS A 1043 29.80 11.32 6.16
CA HIS A 1043 30.78 10.86 7.15
C HIS A 1043 32.11 10.66 6.51
N SER A 1044 33.11 11.15 7.22
CA SER A 1044 34.43 11.08 6.66
C SER A 1044 35.15 9.81 7.01
C1 NAG B . 22.97 17.23 -16.07
C2 NAG B . 24.24 17.54 -16.88
C3 NAG B . 24.78 18.91 -16.45
C4 NAG B . 23.71 19.97 -16.64
C5 NAG B . 22.49 19.57 -15.81
C6 NAG B . 21.32 20.53 -15.92
C7 NAG B . 25.96 16.44 -15.56
C8 NAG B . 27.19 17.33 -15.40
N2 NAG B . 25.25 16.52 -16.70
O3 NAG B . 25.93 19.22 -17.21
O4 NAG B . 24.23 21.24 -16.19
O5 NAG B . 22.01 18.27 -16.24
O6 NAG B . 20.16 19.98 -15.28
O7 NAG B . 25.68 15.67 -14.65
ZN ZN C . -2.74 0.05 -16.31
C1 SSO D . -6.19 -2.17 -15.85
O1 SSO D . -6.33 -3.35 -15.04
C2 SSO D . -4.91 -2.37 -16.76
O2 SSO D . -3.81 -1.78 -16.01
C3 SSO D . -5.08 -1.65 -18.11
S4 SSO D . -6.76 -0.88 -18.05
C5 SSO D . -7.33 -2.13 -16.78
C6 SSO D . -8.72 -1.88 -16.18
O6 SSO D . -9.77 -1.91 -17.19
C7 SSO D . -7.30 -1.21 -19.78
C8 SSO D . -8.64 -0.44 -19.99
O8 SSO D . -8.40 1.03 -20.05
C9 SSO D . -9.46 -0.99 -21.21
C10 SSO D . -10.06 -0.06 -22.26
O10 SSO D . -11.10 -0.91 -22.72
O9 SSO D . -9.71 -2.47 -21.22
S9 SSO D . -9.38 -3.44 -22.31
O11 SSO D . -8.06 -3.98 -22.11
O12 SSO D . -9.50 -2.69 -23.58
O13 SSO D . -10.30 -4.56 -22.18
C1 MRD E . -19.90 3.49 -21.02
C2 MRD E . -20.28 4.95 -21.30
O2 MRD E . -21.73 5.05 -21.23
CM MRD E . -19.74 5.91 -20.27
C3 MRD E . -19.96 5.37 -22.74
C4 MRD E . -18.47 5.44 -23.13
O4 MRD E . -18.34 6.44 -24.16
C5 MRD E . -17.97 4.11 -23.69
#